data_8J3Q
#
_entry.id   8J3Q
#
_entity_poly.entity_id   1
_entity_poly.type   'polypeptide(L)'
_entity_poly.pdbx_seq_one_letter_code
;GSMIRCPKDKIYKFCGSPCPPSCKDLTPNCTRECKKGCFCRDGTVDNNHGKCVKKENC
;
_entity_poly.pdbx_strand_id   A
#
# COMPACT_ATOMS: atom_id res chain seq x y z
N GLY A 1 14.59 -20.49 -8.51
CA GLY A 1 13.15 -20.22 -8.40
C GLY A 1 12.74 -19.10 -9.33
N SER A 2 11.45 -18.78 -9.33
CA SER A 2 10.93 -17.73 -10.18
C SER A 2 9.98 -16.83 -9.41
N MET A 3 10.52 -15.78 -8.83
CA MET A 3 9.73 -14.83 -8.07
C MET A 3 10.28 -13.42 -8.24
N ILE A 4 9.41 -12.48 -8.52
CA ILE A 4 9.82 -11.11 -8.70
C ILE A 4 9.92 -10.40 -7.36
N ARG A 5 11.13 -10.19 -6.91
CA ARG A 5 11.36 -9.52 -5.64
C ARG A 5 11.17 -8.02 -5.82
N CYS A 6 10.07 -7.52 -5.31
CA CYS A 6 9.71 -6.13 -5.44
C CYS A 6 10.62 -5.25 -4.58
N PRO A 7 10.64 -3.91 -4.85
CA PRO A 7 11.48 -2.95 -4.12
C PRO A 7 11.32 -3.05 -2.60
N LYS A 8 12.37 -2.63 -1.89
CA LYS A 8 12.41 -2.67 -0.42
C LYS A 8 11.32 -1.80 0.20
N ASP A 9 10.80 -0.87 -0.57
CA ASP A 9 9.76 0.05 -0.12
C ASP A 9 8.43 -0.69 -0.03
N LYS A 10 8.34 -1.78 -0.77
CA LYS A 10 7.12 -2.55 -0.83
C LYS A 10 7.27 -3.88 -0.14
N ILE A 11 6.17 -4.59 -0.07
CA ILE A 11 6.10 -5.92 0.52
C ILE A 11 5.12 -6.78 -0.28
N TYR A 12 5.44 -8.04 -0.45
CA TYR A 12 4.55 -8.94 -1.17
C TYR A 12 3.52 -9.53 -0.24
N LYS A 13 2.27 -9.46 -0.64
CA LYS A 13 1.18 -10.01 0.14
C LYS A 13 0.24 -10.81 -0.75
N PHE A 14 -0.48 -11.74 -0.14
CA PHE A 14 -1.45 -12.54 -0.87
C PHE A 14 -2.79 -11.83 -0.88
N CYS A 15 -2.96 -10.92 0.06
CA CYS A 15 -4.15 -10.11 0.13
C CYS A 15 -3.76 -8.66 0.32
N GLY A 16 -4.32 -7.82 -0.51
CA GLY A 16 -4.05 -6.40 -0.43
C GLY A 16 -5.21 -5.63 -0.98
N SER A 17 -5.10 -4.31 -0.95
CA SER A 17 -6.17 -3.47 -1.41
C SER A 17 -5.64 -2.48 -2.46
N PRO A 18 -6.42 -2.27 -3.56
CA PRO A 18 -6.08 -1.28 -4.58
C PRO A 18 -6.10 0.12 -3.99
N CYS A 19 -6.81 0.26 -2.89
CA CYS A 19 -6.89 1.51 -2.17
C CYS A 19 -6.24 1.33 -0.79
N PRO A 20 -4.94 1.67 -0.69
CA PRO A 20 -4.20 1.54 0.55
C PRO A 20 -4.41 2.74 1.47
N PRO A 21 -4.11 2.60 2.77
CA PRO A 21 -4.22 3.69 3.73
C PRO A 21 -3.40 4.89 3.27
N SER A 22 -3.96 6.07 3.40
CA SER A 22 -3.31 7.26 2.92
C SER A 22 -3.37 8.38 3.95
N CYS A 23 -2.64 9.46 3.69
CA CYS A 23 -2.67 10.62 4.57
C CYS A 23 -3.97 11.39 4.38
N LYS A 24 -4.63 11.14 3.26
CA LYS A 24 -5.89 11.80 2.96
C LYS A 24 -7.05 11.02 3.57
N ASP A 25 -6.97 9.69 3.47
CA ASP A 25 -7.96 8.81 4.08
C ASP A 25 -7.22 7.64 4.71
N LEU A 26 -7.29 7.54 6.03
CA LEU A 26 -6.58 6.50 6.75
C LEU A 26 -7.14 5.10 6.43
N THR A 27 -8.38 5.06 5.98
CA THR A 27 -9.01 3.81 5.61
C THR A 27 -10.12 4.07 4.58
N PRO A 28 -9.76 4.13 3.30
CA PRO A 28 -10.70 4.42 2.22
C PRO A 28 -11.77 3.35 2.05
N ASN A 29 -13.00 3.77 1.81
CA ASN A 29 -14.11 2.86 1.61
C ASN A 29 -14.04 2.24 0.23
N CYS A 30 -13.94 0.92 0.17
CA CYS A 30 -13.84 0.23 -1.10
C CYS A 30 -14.57 -1.11 -1.04
N THR A 31 -15.05 -1.57 -2.18
CA THR A 31 -15.68 -2.86 -2.30
C THR A 31 -14.67 -3.85 -2.89
N ARG A 32 -13.40 -3.58 -2.58
CA ARG A 32 -12.27 -4.34 -3.13
C ARG A 32 -12.21 -5.77 -2.61
N GLU A 33 -11.35 -6.55 -3.25
CA GLU A 33 -11.10 -7.93 -2.89
C GLU A 33 -9.63 -8.08 -2.51
N CYS A 34 -9.20 -9.29 -2.21
CA CYS A 34 -7.80 -9.51 -1.91
C CYS A 34 -7.00 -9.55 -3.19
N LYS A 35 -6.09 -8.61 -3.33
CA LYS A 35 -5.25 -8.53 -4.51
C LYS A 35 -3.88 -9.07 -4.17
N LYS A 36 -3.35 -9.86 -5.08
CA LYS A 36 -2.07 -10.51 -4.86
C LYS A 36 -0.96 -9.76 -5.58
N GLY A 37 -0.01 -9.26 -4.82
CA GLY A 37 1.07 -8.52 -5.39
C GLY A 37 1.86 -7.79 -4.33
N CYS A 38 2.64 -6.83 -4.75
CA CYS A 38 3.45 -6.07 -3.82
C CYS A 38 2.86 -4.70 -3.57
N PHE A 39 2.57 -4.42 -2.33
CA PHE A 39 2.01 -3.14 -1.94
C PHE A 39 2.96 -2.45 -1.00
N CYS A 40 2.63 -1.25 -0.58
CA CYS A 40 3.48 -0.50 0.32
C CYS A 40 3.60 -1.20 1.67
N ARG A 41 4.62 -0.86 2.42
CA ARG A 41 4.89 -1.52 3.69
C ARG A 41 3.88 -1.11 4.77
N ASP A 42 3.61 -2.03 5.69
CA ASP A 42 2.69 -1.77 6.80
C ASP A 42 3.16 -0.59 7.62
N GLY A 43 2.32 0.42 7.73
CA GLY A 43 2.69 1.62 8.45
C GLY A 43 3.10 2.72 7.51
N THR A 44 3.23 2.36 6.24
CA THR A 44 3.59 3.30 5.21
C THR A 44 2.34 3.61 4.39
N VAL A 45 1.96 4.87 4.39
CA VAL A 45 0.72 5.29 3.76
C VAL A 45 0.96 6.17 2.55
N ASP A 46 -0.05 6.25 1.69
CA ASP A 46 0.01 7.11 0.51
C ASP A 46 -0.20 8.55 0.92
N ASN A 47 0.84 9.35 0.82
CA ASN A 47 0.76 10.75 1.22
C ASN A 47 0.03 11.59 0.19
N ASN A 48 0.03 12.89 0.40
CA ASN A 48 -0.66 13.81 -0.49
C ASN A 48 0.22 14.18 -1.67
N HIS A 49 1.37 13.50 -1.79
CA HIS A 49 2.29 13.70 -2.89
C HIS A 49 2.19 12.55 -3.90
N GLY A 50 1.59 11.45 -3.45
CA GLY A 50 1.44 10.30 -4.33
C GLY A 50 2.49 9.24 -4.06
N LYS A 51 3.08 9.28 -2.89
CA LYS A 51 4.11 8.34 -2.51
C LYS A 51 3.76 7.70 -1.17
N CYS A 52 4.20 6.49 -0.97
CA CYS A 52 4.01 5.84 0.31
C CYS A 52 5.13 6.23 1.25
N VAL A 53 4.75 6.84 2.36
CA VAL A 53 5.69 7.30 3.37
C VAL A 53 5.15 6.99 4.75
N LYS A 54 5.92 7.26 5.77
CA LYS A 54 5.47 7.03 7.11
C LYS A 54 4.37 8.02 7.47
N LYS A 55 3.42 7.57 8.29
CA LYS A 55 2.26 8.38 8.70
C LYS A 55 2.67 9.72 9.36
N GLU A 56 3.92 9.83 9.75
CA GLU A 56 4.43 11.05 10.37
C GLU A 56 4.42 12.23 9.39
N ASN A 57 4.43 11.93 8.11
CA ASN A 57 4.46 12.99 7.08
C ASN A 57 3.06 13.47 6.77
N CYS A 58 2.06 12.74 7.22
CA CYS A 58 0.66 13.12 6.97
C CYS A 58 0.33 14.41 7.70
N GLY A 1 11.30 -17.72 -17.02
CA GLY A 1 10.59 -16.61 -17.67
C GLY A 1 10.64 -15.35 -16.86
N SER A 2 9.62 -15.12 -16.05
CA SER A 2 9.54 -13.95 -15.22
C SER A 2 9.41 -14.34 -13.75
N MET A 3 10.47 -14.11 -12.99
CA MET A 3 10.46 -14.42 -11.57
C MET A 3 9.90 -13.25 -10.79
N ILE A 4 9.23 -13.55 -9.69
CA ILE A 4 8.64 -12.51 -8.87
C ILE A 4 9.70 -11.89 -7.96
N ARG A 5 10.33 -10.85 -8.44
CA ARG A 5 11.36 -10.16 -7.69
C ARG A 5 11.02 -8.68 -7.57
N CYS A 6 10.67 -8.27 -6.38
CA CYS A 6 10.29 -6.90 -6.13
C CYS A 6 11.34 -6.19 -5.28
N PRO A 7 11.40 -4.84 -5.35
CA PRO A 7 12.37 -4.04 -4.59
C PRO A 7 12.36 -4.34 -3.10
N LYS A 8 13.54 -4.24 -2.48
CA LYS A 8 13.72 -4.52 -1.05
C LYS A 8 13.00 -3.52 -0.15
N ASP A 9 12.66 -2.37 -0.70
CA ASP A 9 11.97 -1.34 0.07
C ASP A 9 10.48 -1.64 0.13
N LYS A 10 10.03 -2.51 -0.74
CA LYS A 10 8.63 -2.89 -0.77
C LYS A 10 8.45 -4.35 -0.39
N ILE A 11 7.22 -4.77 -0.19
CA ILE A 11 6.94 -6.15 0.23
C ILE A 11 5.87 -6.77 -0.66
N TYR A 12 5.75 -8.09 -0.57
CA TYR A 12 4.75 -8.79 -1.33
C TYR A 12 3.52 -9.00 -0.47
N LYS A 13 2.37 -8.65 -1.02
CA LYS A 13 1.12 -8.77 -0.31
C LYS A 13 0.24 -9.83 -0.97
N PHE A 14 -0.23 -10.78 -0.18
CA PHE A 14 -1.12 -11.81 -0.67
C PHE A 14 -2.55 -11.31 -0.64
N CYS A 15 -2.75 -10.23 0.07
CA CYS A 15 -4.02 -9.56 0.11
C CYS A 15 -3.78 -8.09 0.35
N GLY A 16 -4.33 -7.26 -0.50
CA GLY A 16 -4.16 -5.85 -0.37
C GLY A 16 -5.39 -5.11 -0.82
N SER A 17 -5.46 -3.86 -0.48
CA SER A 17 -6.59 -3.05 -0.83
C SER A 17 -6.21 -2.01 -1.87
N PRO A 18 -6.95 -1.95 -3.00
CA PRO A 18 -6.76 -0.92 -4.03
C PRO A 18 -6.87 0.48 -3.43
N CYS A 19 -7.61 0.55 -2.32
CA CYS A 19 -7.77 1.77 -1.58
C CYS A 19 -7.12 1.59 -0.20
N PRO A 20 -5.84 1.95 -0.07
CA PRO A 20 -5.10 1.84 1.17
C PRO A 20 -5.19 3.13 2.00
N PRO A 21 -4.91 3.07 3.31
CA PRO A 21 -4.92 4.24 4.17
C PRO A 21 -3.94 5.29 3.67
N SER A 22 -4.37 6.52 3.62
CA SER A 22 -3.55 7.57 3.11
C SER A 22 -3.70 8.82 3.96
N CYS A 23 -2.94 9.84 3.64
CA CYS A 23 -3.04 11.10 4.35
C CYS A 23 -4.28 11.87 3.89
N LYS A 24 -4.82 11.44 2.76
CA LYS A 24 -6.02 12.06 2.22
C LYS A 24 -7.26 11.34 2.71
N ASP A 25 -7.15 10.03 2.85
CA ASP A 25 -8.24 9.22 3.34
C ASP A 25 -7.72 8.26 4.40
N LEU A 26 -7.98 8.58 5.65
CA LEU A 26 -7.47 7.81 6.78
C LEU A 26 -8.17 6.46 6.94
N THR A 27 -9.39 6.36 6.46
CA THR A 27 -10.16 5.15 6.57
C THR A 27 -10.84 4.82 5.25
N PRO A 28 -10.25 3.92 4.47
CA PRO A 28 -10.78 3.54 3.16
C PRO A 28 -12.01 2.65 3.25
N ASN A 29 -13.00 2.95 2.43
CA ASN A 29 -14.23 2.17 2.39
C ASN A 29 -14.43 1.59 1.00
N CYS A 30 -14.18 0.31 0.87
CA CYS A 30 -14.34 -0.37 -0.40
C CYS A 30 -14.82 -1.80 -0.18
N THR A 31 -15.54 -2.33 -1.14
CA THR A 31 -16.00 -3.71 -1.11
C THR A 31 -15.07 -4.54 -2.00
N ARG A 32 -13.82 -4.11 -2.03
CA ARG A 32 -12.78 -4.72 -2.85
C ARG A 32 -12.44 -6.14 -2.40
N GLU A 33 -11.63 -6.81 -3.20
CA GLU A 33 -11.18 -8.14 -2.89
C GLU A 33 -9.70 -8.13 -2.56
N CYS A 34 -9.16 -9.29 -2.23
CA CYS A 34 -7.75 -9.40 -1.93
C CYS A 34 -6.94 -9.46 -3.20
N LYS A 35 -6.06 -8.51 -3.38
CA LYS A 35 -5.19 -8.47 -4.54
C LYS A 35 -3.79 -8.89 -4.16
N LYS A 36 -3.16 -9.68 -5.02
CA LYS A 36 -1.80 -10.15 -4.77
C LYS A 36 -0.82 -9.39 -5.63
N GLY A 37 0.20 -8.86 -4.99
CA GLY A 37 1.22 -8.11 -5.71
C GLY A 37 2.16 -7.44 -4.75
N CYS A 38 3.09 -6.69 -5.27
CA CYS A 38 4.05 -5.99 -4.44
C CYS A 38 3.64 -4.53 -4.26
N PHE A 39 3.46 -4.15 -3.03
CA PHE A 39 3.05 -2.81 -2.69
C PHE A 39 3.98 -2.24 -1.64
N CYS A 40 3.67 -1.05 -1.16
CA CYS A 40 4.46 -0.44 -0.10
C CYS A 40 4.38 -1.29 1.16
N ARG A 41 5.16 -0.94 2.17
CA ARG A 41 5.19 -1.73 3.38
C ARG A 41 3.92 -1.55 4.19
N ASP A 42 3.45 -2.64 4.78
CA ASP A 42 2.20 -2.63 5.54
C ASP A 42 2.30 -1.66 6.71
N GLY A 43 1.37 -0.72 6.77
CA GLY A 43 1.39 0.27 7.82
C GLY A 43 1.85 1.62 7.31
N THR A 44 2.24 1.66 6.05
CA THR A 44 2.68 2.89 5.41
C THR A 44 1.52 3.52 4.68
N VAL A 45 1.40 4.84 4.75
CA VAL A 45 0.29 5.53 4.11
C VAL A 45 0.72 6.23 2.83
N ASP A 46 -0.25 6.58 2.03
CA ASP A 46 -0.02 7.28 0.77
C ASP A 46 -0.25 8.78 0.94
N ASN A 47 0.72 9.59 0.57
CA ASN A 47 0.55 11.04 0.66
C ASN A 47 0.28 11.62 -0.72
N ASN A 48 0.00 12.92 -0.77
CA ASN A 48 -0.28 13.58 -2.04
C ASN A 48 1.00 14.03 -2.72
N HIS A 49 2.13 13.47 -2.29
CA HIS A 49 3.43 13.80 -2.85
C HIS A 49 3.87 12.77 -3.87
N GLY A 50 3.13 11.68 -3.97
CA GLY A 50 3.41 10.68 -4.97
C GLY A 50 4.19 9.47 -4.46
N LYS A 51 4.18 9.23 -3.15
CA LYS A 51 4.88 8.08 -2.60
C LYS A 51 4.32 7.68 -1.24
N CYS A 52 4.70 6.50 -0.78
CA CYS A 52 4.27 6.00 0.51
C CYS A 52 5.19 6.49 1.62
N VAL A 53 4.60 7.01 2.68
CA VAL A 53 5.34 7.52 3.83
C VAL A 53 4.61 7.14 5.11
N LYS A 54 5.20 7.45 6.24
CA LYS A 54 4.57 7.16 7.51
C LYS A 54 3.43 8.14 7.77
N LYS A 55 2.43 7.70 8.52
CA LYS A 55 1.26 8.53 8.82
C LYS A 55 1.63 9.78 9.62
N GLU A 56 2.83 9.80 10.17
CA GLU A 56 3.33 10.96 10.91
C GLU A 56 3.61 12.12 9.96
N ASN A 57 3.67 11.82 8.66
CA ASN A 57 3.93 12.84 7.64
C ASN A 57 2.64 13.45 7.12
N CYS A 58 1.52 12.89 7.52
CA CYS A 58 0.22 13.39 7.10
C CYS A 58 -0.08 14.73 7.75
N GLY A 1 9.29 -19.56 -5.91
CA GLY A 1 8.02 -18.90 -5.56
C GLY A 1 7.64 -17.85 -6.57
N SER A 2 7.70 -16.60 -6.17
CA SER A 2 7.35 -15.49 -7.03
C SER A 2 8.38 -15.34 -8.15
N MET A 3 7.93 -15.47 -9.39
CA MET A 3 8.80 -15.31 -10.56
C MET A 3 9.42 -13.94 -10.58
N ILE A 4 8.58 -12.93 -10.69
CA ILE A 4 9.03 -11.56 -10.70
C ILE A 4 9.10 -11.02 -9.28
N ARG A 5 10.19 -10.38 -8.95
CA ARG A 5 10.35 -9.80 -7.63
C ARG A 5 10.14 -8.31 -7.66
N CYS A 6 9.49 -7.81 -6.63
CA CYS A 6 9.16 -6.40 -6.52
C CYS A 6 10.28 -5.64 -5.80
N PRO A 7 10.25 -4.29 -5.83
CA PRO A 7 11.25 -3.46 -5.15
C PRO A 7 11.29 -3.73 -3.63
N LYS A 8 12.45 -3.48 -3.01
CA LYS A 8 12.62 -3.71 -1.57
C LYS A 8 11.90 -2.65 -0.75
N ASP A 9 11.50 -1.57 -1.43
CA ASP A 9 10.73 -0.50 -0.81
C ASP A 9 9.37 -1.02 -0.40
N LYS A 10 8.97 -2.11 -1.03
CA LYS A 10 7.66 -2.69 -0.78
C LYS A 10 7.77 -4.16 -0.39
N ILE A 11 6.63 -4.78 -0.07
CA ILE A 11 6.61 -6.17 0.37
C ILE A 11 5.55 -6.97 -0.38
N TYR A 12 5.73 -8.28 -0.42
CA TYR A 12 4.77 -9.18 -1.06
C TYR A 12 3.65 -9.51 -0.11
N LYS A 13 2.42 -9.42 -0.58
CA LYS A 13 1.26 -9.71 0.25
C LYS A 13 0.34 -10.69 -0.46
N PHE A 14 -0.38 -11.47 0.32
CA PHE A 14 -1.33 -12.44 -0.23
C PHE A 14 -2.61 -11.71 -0.60
N CYS A 15 -3.04 -10.83 0.26
CA CYS A 15 -4.18 -9.99 0.00
C CYS A 15 -3.79 -8.55 0.21
N GLY A 16 -4.07 -7.73 -0.77
CA GLY A 16 -3.76 -6.34 -0.65
C GLY A 16 -4.85 -5.49 -1.24
N SER A 17 -4.89 -4.25 -0.84
CA SER A 17 -5.87 -3.32 -1.33
C SER A 17 -5.21 -2.33 -2.28
N PRO A 18 -5.85 -2.07 -3.44
CA PRO A 18 -5.34 -1.11 -4.42
C PRO A 18 -5.39 0.32 -3.87
N CYS A 19 -6.19 0.51 -2.82
CA CYS A 19 -6.30 1.79 -2.16
C CYS A 19 -5.73 1.71 -0.75
N PRO A 20 -4.43 2.00 -0.60
CA PRO A 20 -3.77 1.98 0.71
C PRO A 20 -4.16 3.18 1.55
N PRO A 21 -4.02 3.10 2.90
CA PRO A 21 -4.33 4.20 3.81
C PRO A 21 -3.65 5.47 3.36
N SER A 22 -4.35 6.57 3.43
CA SER A 22 -3.84 7.82 2.94
C SER A 22 -3.95 8.92 3.99
N CYS A 23 -3.41 10.08 3.65
CA CYS A 23 -3.47 11.22 4.54
C CYS A 23 -4.90 11.76 4.65
N LYS A 24 -5.71 11.44 3.65
CA LYS A 24 -7.10 11.85 3.65
C LYS A 24 -7.97 10.85 4.38
N ASP A 25 -7.63 9.57 4.27
CA ASP A 25 -8.39 8.52 4.91
C ASP A 25 -7.45 7.52 5.56
N LEU A 26 -7.45 7.51 6.88
CA LEU A 26 -6.57 6.64 7.65
C LEU A 26 -6.98 5.17 7.54
N THR A 27 -8.24 4.96 7.24
CA THR A 27 -8.76 3.62 7.05
C THR A 27 -9.65 3.61 5.80
N PRO A 28 -9.04 3.29 4.65
CA PRO A 28 -9.73 3.37 3.36
C PRO A 28 -10.92 2.45 3.24
N ASN A 29 -11.99 3.00 2.73
CA ASN A 29 -13.20 2.26 2.47
C ASN A 29 -13.41 2.16 0.98
N CYS A 30 -13.14 1.01 0.43
CA CYS A 30 -13.28 0.81 -0.99
C CYS A 30 -14.10 -0.43 -1.27
N THR A 31 -14.49 -0.58 -2.51
CA THR A 31 -15.24 -1.75 -2.96
C THR A 31 -14.24 -2.74 -3.56
N ARG A 32 -13.03 -2.70 -3.03
CA ARG A 32 -11.90 -3.45 -3.54
C ARG A 32 -11.98 -4.94 -3.19
N GLU A 33 -11.10 -5.71 -3.81
CA GLU A 33 -10.98 -7.14 -3.57
C GLU A 33 -9.55 -7.47 -3.12
N CYS A 34 -9.28 -8.72 -2.80
CA CYS A 34 -7.95 -9.11 -2.41
C CYS A 34 -7.08 -9.29 -3.63
N LYS A 35 -6.08 -8.45 -3.76
CA LYS A 35 -5.18 -8.52 -4.89
C LYS A 35 -3.83 -9.05 -4.45
N LYS A 36 -3.32 -10.03 -5.16
CA LYS A 36 -2.00 -10.58 -4.86
C LYS A 36 -0.94 -9.73 -5.51
N GLY A 37 0.19 -9.63 -4.88
CA GLY A 37 1.27 -8.86 -5.41
C GLY A 37 2.09 -8.21 -4.34
N CYS A 38 2.58 -7.03 -4.62
CA CYS A 38 3.40 -6.34 -3.66
C CYS A 38 2.85 -4.95 -3.39
N PHE A 39 2.80 -4.58 -2.14
CA PHE A 39 2.29 -3.30 -1.72
C PHE A 39 3.19 -2.69 -0.68
N CYS A 40 2.83 -1.53 -0.19
CA CYS A 40 3.63 -0.86 0.81
C CYS A 40 3.53 -1.56 2.16
N ARG A 41 4.47 -1.27 3.04
CA ARG A 41 4.52 -1.90 4.35
C ARG A 41 3.43 -1.31 5.25
N ASP A 42 2.83 -2.17 6.08
CA ASP A 42 1.77 -1.74 6.98
C ASP A 42 2.27 -0.66 7.93
N GLY A 43 1.53 0.41 8.04
CA GLY A 43 1.95 1.52 8.88
C GLY A 43 2.43 2.67 8.02
N THR A 44 2.62 2.40 6.75
CA THR A 44 3.04 3.39 5.79
C THR A 44 1.83 3.85 4.98
N VAL A 45 1.63 5.14 4.88
CA VAL A 45 0.46 5.68 4.21
C VAL A 45 0.80 6.25 2.84
N ASP A 46 -0.18 6.20 1.96
CA ASP A 46 -0.04 6.77 0.64
C ASP A 46 -0.45 8.24 0.68
N ASN A 47 0.47 9.11 0.37
CA ASN A 47 0.19 10.53 0.44
C ASN A 47 0.03 11.12 -0.94
N ASN A 48 -0.43 12.36 -1.01
CA ASN A 48 -0.75 13.02 -2.29
C ASN A 48 0.49 13.32 -3.15
N HIS A 49 1.69 13.05 -2.63
CA HIS A 49 2.90 13.28 -3.41
C HIS A 49 3.21 12.09 -4.32
N GLY A 50 2.39 11.04 -4.23
CA GLY A 50 2.53 9.91 -5.13
C GLY A 50 3.34 8.74 -4.59
N LYS A 51 3.48 8.65 -3.27
CA LYS A 51 4.24 7.55 -2.69
C LYS A 51 3.75 7.22 -1.29
N CYS A 52 4.20 6.09 -0.78
CA CYS A 52 3.94 5.70 0.58
C CYS A 52 4.99 6.30 1.48
N VAL A 53 4.55 6.97 2.54
CA VAL A 53 5.43 7.65 3.45
C VAL A 53 4.94 7.43 4.88
N LYS A 54 5.73 7.83 5.86
CA LYS A 54 5.34 7.72 7.24
C LYS A 54 4.04 8.48 7.52
N LYS A 55 3.18 7.89 8.31
CA LYS A 55 1.87 8.47 8.66
C LYS A 55 1.99 9.88 9.30
N GLU A 56 3.17 10.22 9.78
CA GLU A 56 3.39 11.52 10.41
C GLU A 56 3.43 12.65 9.36
N ASN A 57 3.49 12.28 8.09
CA ASN A 57 3.53 13.27 7.00
C ASN A 57 2.13 13.72 6.62
N CYS A 58 1.15 13.15 7.28
CA CYS A 58 -0.23 13.47 7.04
C CYS A 58 -0.71 14.51 8.02
N GLY A 1 3.94 -19.31 0.08
CA GLY A 1 5.05 -18.83 -0.77
C GLY A 1 4.70 -17.53 -1.46
N SER A 2 5.71 -16.76 -1.79
CA SER A 2 5.51 -15.48 -2.45
C SER A 2 5.51 -15.65 -3.96
N MET A 3 6.28 -16.64 -4.43
CA MET A 3 6.43 -16.93 -5.86
C MET A 3 7.20 -15.82 -6.58
N ILE A 4 6.58 -14.65 -6.68
CA ILE A 4 7.21 -13.51 -7.32
C ILE A 4 8.01 -12.72 -6.30
N ARG A 5 9.08 -12.10 -6.76
CA ARG A 5 9.92 -11.30 -5.90
C ARG A 5 10.09 -9.91 -6.47
N CYS A 6 9.78 -8.93 -5.66
CA CYS A 6 9.87 -7.54 -6.05
C CYS A 6 11.01 -6.86 -5.26
N PRO A 7 11.48 -5.67 -5.73
CA PRO A 7 12.55 -4.92 -5.05
C PRO A 7 12.34 -4.83 -3.53
N LYS A 8 13.45 -4.71 -2.81
CA LYS A 8 13.45 -4.70 -1.34
C LYS A 8 12.69 -3.49 -0.77
N ASP A 9 12.31 -2.58 -1.62
CA ASP A 9 11.59 -1.40 -1.18
C ASP A 9 10.12 -1.73 -0.92
N LYS A 10 9.66 -2.81 -1.51
CA LYS A 10 8.29 -3.25 -1.32
C LYS A 10 8.24 -4.65 -0.75
N ILE A 11 7.06 -5.08 -0.34
CA ILE A 11 6.89 -6.41 0.21
C ILE A 11 5.74 -7.12 -0.49
N TYR A 12 5.75 -8.44 -0.42
CA TYR A 12 4.71 -9.23 -1.05
C TYR A 12 3.51 -9.32 -0.11
N LYS A 13 2.34 -9.04 -0.64
CA LYS A 13 1.13 -9.08 0.14
C LYS A 13 0.24 -10.21 -0.31
N PHE A 14 -0.18 -11.03 0.64
CA PHE A 14 -1.09 -12.13 0.36
C PHE A 14 -2.50 -11.58 0.29
N CYS A 15 -2.69 -10.47 0.96
CA CYS A 15 -3.92 -9.73 0.91
C CYS A 15 -3.62 -8.25 1.03
N GLY A 16 -4.13 -7.49 0.11
CA GLY A 16 -3.92 -6.07 0.12
C GLY A 16 -5.02 -5.36 -0.60
N SER A 17 -5.00 -4.05 -0.53
CA SER A 17 -6.01 -3.25 -1.16
C SER A 17 -5.42 -2.46 -2.33
N PRO A 18 -6.14 -2.40 -3.47
CA PRO A 18 -5.72 -1.60 -4.62
C PRO A 18 -5.79 -0.11 -4.30
N CYS A 19 -6.53 0.21 -3.25
CA CYS A 19 -6.65 1.56 -2.77
C CYS A 19 -6.03 1.67 -1.37
N PRO A 20 -4.74 2.01 -1.30
CA PRO A 20 -4.03 2.16 -0.03
C PRO A 20 -4.55 3.36 0.77
N PRO A 21 -4.46 3.30 2.11
CA PRO A 21 -4.87 4.39 2.98
C PRO A 21 -4.08 5.67 2.71
N SER A 22 -4.70 6.80 2.93
CA SER A 22 -4.06 8.06 2.71
C SER A 22 -4.01 8.86 4.00
N CYS A 23 -3.48 10.07 3.94
CA CYS A 23 -3.41 10.92 5.10
C CYS A 23 -4.75 11.53 5.41
N LYS A 24 -5.54 11.79 4.38
CA LYS A 24 -6.86 12.37 4.55
C LYS A 24 -7.90 11.30 4.80
N ASP A 25 -7.62 10.09 4.35
CA ASP A 25 -8.55 8.98 4.50
C ASP A 25 -7.81 7.77 5.03
N LEU A 26 -7.95 7.53 6.33
CA LEU A 26 -7.25 6.43 6.99
C LEU A 26 -7.80 5.06 6.57
N THR A 27 -8.99 5.06 6.04
CA THR A 27 -9.62 3.85 5.56
C THR A 27 -10.48 4.14 4.34
N PRO A 28 -9.90 4.00 3.14
CA PRO A 28 -10.58 4.30 1.87
C PRO A 28 -11.81 3.44 1.66
N ASN A 29 -12.89 4.09 1.24
CA ASN A 29 -14.13 3.40 0.95
C ASN A 29 -14.00 2.69 -0.38
N CYS A 30 -13.84 1.40 -0.33
CA CYS A 30 -13.68 0.62 -1.54
C CYS A 30 -14.45 -0.68 -1.47
N THR A 31 -14.86 -1.17 -2.63
CA THR A 31 -15.54 -2.44 -2.75
C THR A 31 -14.49 -3.53 -3.05
N ARG A 32 -13.27 -3.28 -2.58
CA ARG A 32 -12.13 -4.13 -2.88
C ARG A 32 -12.13 -5.45 -2.13
N GLU A 33 -11.29 -6.35 -2.60
CA GLU A 33 -11.07 -7.65 -2.01
C GLU A 33 -9.58 -7.82 -1.76
N CYS A 34 -9.16 -8.99 -1.30
CA CYS A 34 -7.75 -9.22 -1.05
C CYS A 34 -7.02 -9.47 -2.36
N LYS A 35 -6.13 -8.56 -2.70
CA LYS A 35 -5.34 -8.69 -3.91
C LYS A 35 -3.93 -9.11 -3.57
N LYS A 36 -3.33 -9.86 -4.46
CA LYS A 36 -1.99 -10.38 -4.24
C LYS A 36 -1.00 -9.66 -5.15
N GLY A 37 0.18 -9.42 -4.62
CA GLY A 37 1.20 -8.74 -5.38
C GLY A 37 2.14 -8.01 -4.46
N CYS A 38 2.79 -6.99 -4.96
CA CYS A 38 3.72 -6.21 -4.16
C CYS A 38 3.22 -4.79 -3.99
N PHE A 39 3.03 -4.39 -2.75
CA PHE A 39 2.54 -3.05 -2.44
C PHE A 39 3.50 -2.36 -1.49
N CYS A 40 3.15 -1.15 -1.08
CA CYS A 40 3.96 -0.40 -0.14
C CYS A 40 4.05 -1.16 1.18
N ARG A 41 5.10 -0.91 1.93
CA ARG A 41 5.33 -1.61 3.17
C ARG A 41 4.36 -1.12 4.24
N ASP A 42 3.79 -2.07 4.98
CA ASP A 42 2.85 -1.75 6.04
C ASP A 42 3.43 -0.69 6.97
N GLY A 43 2.63 0.29 7.31
CA GLY A 43 3.10 1.39 8.13
C GLY A 43 3.19 2.67 7.33
N THR A 44 3.24 2.54 6.01
CA THR A 44 3.31 3.69 5.14
C THR A 44 1.96 3.94 4.47
N VAL A 45 1.64 5.20 4.27
CA VAL A 45 0.38 5.60 3.67
C VAL A 45 0.61 6.50 2.48
N ASP A 46 -0.39 6.62 1.63
CA ASP A 46 -0.28 7.47 0.45
C ASP A 46 -0.66 8.90 0.78
N ASN A 47 0.33 9.75 0.91
CA ASN A 47 0.08 11.14 1.27
C ASN A 47 -0.20 11.96 0.01
N ASN A 48 -0.50 13.24 0.20
CA ASN A 48 -0.89 14.13 -0.90
C ASN A 48 0.19 14.25 -1.98
N HIS A 49 1.43 13.91 -1.66
CA HIS A 49 2.51 13.95 -2.64
C HIS A 49 2.41 12.80 -3.64
N GLY A 50 1.49 11.87 -3.38
CA GLY A 50 1.30 10.76 -4.31
C GLY A 50 2.25 9.61 -4.06
N LYS A 51 2.78 9.54 -2.85
CA LYS A 51 3.72 8.50 -2.51
C LYS A 51 3.44 7.91 -1.13
N CYS A 52 3.97 6.73 -0.87
CA CYS A 52 3.82 6.07 0.41
C CYS A 52 4.89 6.55 1.38
N VAL A 53 4.46 7.16 2.47
CA VAL A 53 5.36 7.68 3.48
C VAL A 53 4.90 7.26 4.86
N LYS A 54 5.68 7.60 5.86
CA LYS A 54 5.34 7.29 7.24
C LYS A 54 4.02 7.94 7.64
N LYS A 55 3.21 7.21 8.40
CA LYS A 55 1.89 7.70 8.85
C LYS A 55 1.99 8.99 9.66
N GLU A 56 3.18 9.31 10.14
CA GLU A 56 3.39 10.53 10.92
C GLU A 56 3.52 11.75 10.01
N ASN A 57 3.59 11.52 8.70
CA ASN A 57 3.70 12.60 7.73
C ASN A 57 2.31 13.12 7.38
N CYS A 58 1.32 12.59 8.04
CA CYS A 58 -0.05 12.98 7.81
C CYS A 58 -0.46 14.06 8.80
N GLY A 1 7.31 -5.08 -18.15
CA GLY A 1 6.89 -4.99 -16.73
C GLY A 1 7.74 -5.86 -15.85
N SER A 2 8.88 -5.33 -15.42
CA SER A 2 9.77 -6.06 -14.55
C SER A 2 9.31 -5.94 -13.11
N MET A 3 8.45 -6.85 -12.68
CA MET A 3 7.93 -6.84 -11.33
C MET A 3 8.27 -8.14 -10.63
N ILE A 4 9.24 -8.87 -11.19
CA ILE A 4 9.69 -10.14 -10.61
C ILE A 4 10.21 -9.92 -9.20
N ARG A 5 10.86 -8.79 -9.01
CA ARG A 5 11.39 -8.40 -7.71
C ARG A 5 11.08 -6.94 -7.47
N CYS A 6 10.13 -6.69 -6.61
CA CYS A 6 9.70 -5.34 -6.30
C CYS A 6 10.74 -4.61 -5.45
N PRO A 7 10.65 -3.27 -5.35
CA PRO A 7 11.59 -2.46 -4.55
C PRO A 7 11.52 -2.80 -3.06
N LYS A 8 12.57 -2.45 -2.31
CA LYS A 8 12.64 -2.73 -0.87
C LYS A 8 11.57 -1.97 -0.10
N ASP A 9 11.06 -0.91 -0.71
CA ASP A 9 10.04 -0.07 -0.11
C ASP A 9 8.72 -0.81 -0.05
N LYS A 10 8.51 -1.69 -1.01
CA LYS A 10 7.29 -2.46 -1.09
C LYS A 10 7.53 -3.88 -0.65
N ILE A 11 6.46 -4.57 -0.37
CA ILE A 11 6.54 -5.97 0.05
C ILE A 11 5.41 -6.77 -0.59
N TYR A 12 5.63 -8.05 -0.76
CA TYR A 12 4.63 -8.92 -1.34
C TYR A 12 3.57 -9.28 -0.32
N LYS A 13 2.32 -9.03 -0.66
CA LYS A 13 1.21 -9.35 0.21
C LYS A 13 0.30 -10.36 -0.47
N PHE A 14 -0.18 -11.33 0.30
CA PHE A 14 -1.08 -12.34 -0.25
C PHE A 14 -2.43 -11.70 -0.55
N CYS A 15 -2.79 -10.74 0.28
CA CYS A 15 -3.98 -9.97 0.09
C CYS A 15 -3.67 -8.52 0.34
N GLY A 16 -4.03 -7.68 -0.60
CA GLY A 16 -3.80 -6.28 -0.47
C GLY A 16 -5.01 -5.50 -0.90
N SER A 17 -4.98 -4.21 -0.64
CA SER A 17 -6.09 -3.35 -0.96
C SER A 17 -5.87 -2.66 -2.31
N PRO A 18 -6.86 -2.74 -3.20
CA PRO A 18 -6.81 -2.05 -4.49
C PRO A 18 -6.76 -0.54 -4.28
N CYS A 19 -7.25 -0.10 -3.14
CA CYS A 19 -7.20 1.28 -2.73
C CYS A 19 -6.39 1.39 -1.44
N PRO A 20 -5.06 1.63 -1.56
CA PRO A 20 -4.17 1.74 -0.41
C PRO A 20 -4.51 2.92 0.49
N PRO A 21 -4.24 2.80 1.81
CA PRO A 21 -4.50 3.89 2.77
C PRO A 21 -3.67 5.13 2.43
N SER A 22 -4.21 6.28 2.76
CA SER A 22 -3.55 7.52 2.48
C SER A 22 -3.49 8.39 3.72
N CYS A 23 -2.78 9.51 3.63
CA CYS A 23 -2.70 10.43 4.75
C CYS A 23 -4.03 11.14 4.97
N LYS A 24 -4.85 11.19 3.94
CA LYS A 24 -6.15 11.82 4.04
C LYS A 24 -7.20 10.81 4.47
N ASP A 25 -7.02 9.57 4.07
CA ASP A 25 -7.96 8.51 4.44
C ASP A 25 -7.20 7.35 5.03
N LEU A 26 -7.24 7.25 6.33
CA LEU A 26 -6.47 6.24 7.06
C LEU A 26 -7.06 4.84 6.86
N THR A 27 -8.32 4.77 6.50
CA THR A 27 -8.96 3.50 6.25
C THR A 27 -9.90 3.62 5.06
N PRO A 28 -9.36 3.47 3.84
CA PRO A 28 -10.13 3.62 2.60
C PRO A 28 -11.35 2.71 2.58
N ASN A 29 -12.48 3.26 2.17
CA ASN A 29 -13.71 2.50 2.10
C ASN A 29 -14.02 2.16 0.66
N CYS A 30 -13.79 0.92 0.29
CA CYS A 30 -14.01 0.48 -1.07
C CYS A 30 -14.66 -0.89 -1.09
N THR A 31 -15.10 -1.32 -2.26
CA THR A 31 -15.64 -2.66 -2.48
C THR A 31 -14.46 -3.61 -2.76
N ARG A 32 -13.35 -3.32 -2.08
CA ARG A 32 -12.06 -3.99 -2.26
C ARG A 32 -12.13 -5.51 -2.24
N GLU A 33 -11.16 -6.10 -2.92
CA GLU A 33 -10.98 -7.52 -2.98
C GLU A 33 -9.51 -7.80 -2.66
N CYS A 34 -9.17 -9.05 -2.47
CA CYS A 34 -7.80 -9.39 -2.18
C CYS A 34 -6.96 -9.41 -3.44
N LYS A 35 -6.01 -8.49 -3.52
CA LYS A 35 -5.11 -8.42 -4.65
C LYS A 35 -3.76 -8.97 -4.25
N LYS A 36 -3.14 -9.71 -5.14
CA LYS A 36 -1.86 -10.33 -4.88
C LYS A 36 -0.76 -9.57 -5.58
N GLY A 37 0.20 -9.08 -4.81
CA GLY A 37 1.29 -8.35 -5.38
C GLY A 37 2.06 -7.58 -4.34
N CYS A 38 2.85 -6.63 -4.78
CA CYS A 38 3.64 -5.83 -3.87
C CYS A 38 2.95 -4.52 -3.55
N PHE A 39 2.71 -4.30 -2.28
CA PHE A 39 2.05 -3.08 -1.82
C PHE A 39 2.90 -2.41 -0.75
N CYS A 40 2.38 -1.35 -0.17
CA CYS A 40 3.08 -0.65 0.89
C CYS A 40 2.82 -1.34 2.24
N ARG A 41 3.71 -1.13 3.20
CA ARG A 41 3.56 -1.77 4.49
C ARG A 41 2.47 -1.10 5.31
N ASP A 42 1.97 -1.83 6.30
CA ASP A 42 0.97 -1.29 7.21
C ASP A 42 1.63 -0.29 8.14
N GLY A 43 1.03 0.87 8.26
CA GLY A 43 1.61 1.93 9.05
C GLY A 43 2.15 3.03 8.17
N THR A 44 2.48 2.67 6.94
CA THR A 44 2.94 3.61 5.95
C THR A 44 1.86 3.81 4.90
N VAL A 45 1.43 5.04 4.74
CA VAL A 45 0.33 5.34 3.84
C VAL A 45 0.76 6.20 2.66
N ASP A 46 -0.05 6.23 1.62
CA ASP A 46 0.24 6.98 0.42
C ASP A 46 -0.16 8.45 0.59
N ASN A 47 0.73 9.36 0.23
CA ASN A 47 0.43 10.78 0.38
C ASN A 47 0.32 11.46 -0.99
N ASN A 48 0.03 12.75 -0.99
CA ASN A 48 -0.20 13.52 -2.24
C ASN A 48 1.03 13.56 -3.14
N HIS A 49 2.18 13.18 -2.61
CA HIS A 49 3.42 13.18 -3.39
C HIS A 49 3.53 11.93 -4.27
N GLY A 50 2.52 11.08 -4.21
CA GLY A 50 2.45 9.92 -5.09
C GLY A 50 3.23 8.71 -4.59
N LYS A 51 3.51 8.66 -3.30
CA LYS A 51 4.22 7.51 -2.76
C LYS A 51 3.86 7.30 -1.29
N CYS A 52 4.18 6.12 -0.79
CA CYS A 52 3.87 5.77 0.59
C CYS A 52 4.96 6.25 1.53
N VAL A 53 4.54 6.88 2.60
CA VAL A 53 5.43 7.41 3.61
C VAL A 53 4.97 7.00 4.98
N LYS A 54 5.74 7.32 5.98
CA LYS A 54 5.38 7.03 7.33
C LYS A 54 4.27 7.99 7.78
N LYS A 55 3.46 7.55 8.72
CA LYS A 55 2.34 8.35 9.21
C LYS A 55 2.81 9.69 9.83
N GLU A 56 4.10 9.79 10.11
CA GLU A 56 4.68 11.01 10.66
C GLU A 56 4.82 12.08 9.57
N ASN A 57 4.61 11.68 8.32
CA ASN A 57 4.67 12.60 7.18
C ASN A 57 3.31 13.15 6.84
N CYS A 58 2.28 12.58 7.44
CA CYS A 58 0.92 12.98 7.17
C CYS A 58 0.54 14.23 7.97
N GLY A 1 14.19 -19.64 -4.55
CA GLY A 1 14.04 -18.70 -5.68
C GLY A 1 12.60 -18.51 -6.04
N SER A 2 12.33 -18.35 -7.33
CA SER A 2 10.97 -18.18 -7.85
C SER A 2 10.32 -16.92 -7.23
N MET A 3 8.98 -16.92 -7.19
CA MET A 3 8.20 -15.82 -6.60
C MET A 3 8.23 -14.56 -7.49
N ILE A 4 7.25 -13.70 -7.30
CA ILE A 4 7.17 -12.46 -8.05
C ILE A 4 8.28 -11.50 -7.62
N ARG A 5 8.93 -10.88 -8.60
CA ARG A 5 9.99 -9.93 -8.32
C ARG A 5 9.39 -8.56 -8.09
N CYS A 6 9.46 -8.09 -6.88
CA CYS A 6 8.87 -6.81 -6.54
C CYS A 6 9.96 -5.80 -6.18
N PRO A 7 9.63 -4.49 -6.25
CA PRO A 7 10.56 -3.42 -5.86
C PRO A 7 11.09 -3.63 -4.44
N LYS A 8 12.36 -3.34 -4.25
CA LYS A 8 13.01 -3.54 -2.95
C LYS A 8 12.43 -2.64 -1.87
N ASP A 9 11.80 -1.55 -2.29
CA ASP A 9 11.19 -0.62 -1.35
C ASP A 9 9.74 -1.00 -1.05
N LYS A 10 9.35 -2.16 -1.54
CA LYS A 10 8.00 -2.67 -1.32
C LYS A 10 8.07 -4.09 -0.77
N ILE A 11 6.95 -4.56 -0.23
CA ILE A 11 6.87 -5.91 0.31
C ILE A 11 5.64 -6.62 -0.22
N TYR A 12 5.65 -7.94 -0.15
CA TYR A 12 4.52 -8.71 -0.63
C TYR A 12 3.44 -8.81 0.44
N LYS A 13 2.21 -8.67 0.02
CA LYS A 13 1.09 -8.80 0.92
C LYS A 13 0.17 -9.91 0.46
N PHE A 14 -0.39 -10.63 1.43
CA PHE A 14 -1.29 -11.72 1.14
C PHE A 14 -2.64 -11.16 0.71
N CYS A 15 -2.93 -9.97 1.18
CA CYS A 15 -4.12 -9.27 0.80
C CYS A 15 -3.81 -7.78 0.67
N GLY A 16 -4.18 -7.22 -0.46
CA GLY A 16 -3.96 -5.82 -0.69
C GLY A 16 -5.18 -5.15 -1.24
N SER A 17 -5.26 -3.86 -1.08
CA SER A 17 -6.41 -3.12 -1.54
C SER A 17 -6.02 -2.17 -2.67
N PRO A 18 -6.83 -2.14 -3.75
CA PRO A 18 -6.62 -1.19 -4.86
C PRO A 18 -6.72 0.25 -4.36
N CYS A 19 -7.48 0.42 -3.30
CA CYS A 19 -7.60 1.69 -2.62
C CYS A 19 -6.87 1.60 -1.28
N PRO A 20 -5.60 2.02 -1.24
CA PRO A 20 -4.78 1.92 -0.05
C PRO A 20 -4.95 3.09 0.90
N PRO A 21 -4.68 2.86 2.21
CA PRO A 21 -4.75 3.93 3.21
C PRO A 21 -3.77 5.04 2.88
N SER A 22 -4.22 6.25 2.94
CA SER A 22 -3.41 7.38 2.59
C SER A 22 -3.64 8.53 3.56
N CYS A 23 -2.76 9.51 3.54
CA CYS A 23 -2.85 10.67 4.43
C CYS A 23 -4.17 11.43 4.20
N LYS A 24 -4.77 11.23 3.04
CA LYS A 24 -6.04 11.86 2.73
C LYS A 24 -7.19 11.01 3.26
N ASP A 25 -7.07 9.70 3.10
CA ASP A 25 -8.08 8.75 3.55
C ASP A 25 -7.40 7.55 4.20
N LEU A 26 -7.41 7.50 5.52
CA LEU A 26 -6.73 6.45 6.26
C LEU A 26 -7.58 5.18 6.37
N THR A 27 -8.86 5.29 6.05
CA THR A 27 -9.75 4.15 6.14
C THR A 27 -10.64 4.09 4.89
N PRO A 28 -10.14 3.48 3.81
CA PRO A 28 -10.90 3.35 2.56
C PRO A 28 -11.87 2.18 2.59
N ASN A 29 -13.09 2.42 2.16
CA ASN A 29 -14.09 1.38 2.10
C ASN A 29 -14.47 1.13 0.66
N CYS A 30 -13.98 0.05 0.12
CA CYS A 30 -14.24 -0.30 -1.26
C CYS A 30 -14.85 -1.69 -1.34
N THR A 31 -15.57 -1.96 -2.41
CA THR A 31 -16.22 -3.26 -2.62
C THR A 31 -15.27 -4.22 -3.37
N ARG A 32 -13.98 -4.03 -3.14
CA ARG A 32 -12.96 -4.80 -3.81
C ARG A 32 -12.64 -6.09 -3.10
N GLU A 33 -11.80 -6.90 -3.72
CA GLU A 33 -11.33 -8.14 -3.15
C GLU A 33 -9.86 -7.99 -2.75
N CYS A 34 -9.29 -9.05 -2.24
CA CYS A 34 -7.90 -9.02 -1.85
C CYS A 34 -7.01 -9.17 -3.06
N LYS A 35 -6.12 -8.24 -3.25
CA LYS A 35 -5.19 -8.27 -4.35
C LYS A 35 -3.83 -8.71 -3.86
N LYS A 36 -3.44 -9.91 -4.26
CA LYS A 36 -2.17 -10.46 -3.85
C LYS A 36 -1.05 -9.89 -4.71
N GLY A 37 -0.19 -9.12 -4.09
CA GLY A 37 0.89 -8.51 -4.79
C GLY A 37 1.81 -7.78 -3.86
N CYS A 38 2.63 -6.91 -4.37
CA CYS A 38 3.56 -6.18 -3.55
C CYS A 38 3.21 -4.71 -3.51
N PHE A 39 3.06 -4.20 -2.32
CA PHE A 39 2.68 -2.82 -2.09
C PHE A 39 3.68 -2.18 -1.15
N CYS A 40 3.41 -0.95 -0.75
CA CYS A 40 4.27 -0.25 0.20
C CYS A 40 4.43 -1.05 1.50
N ARG A 41 5.32 -0.61 2.35
CA ARG A 41 5.61 -1.34 3.56
C ARG A 41 4.46 -1.21 4.54
N ASP A 42 4.18 -2.29 5.25
CA ASP A 42 3.09 -2.34 6.21
C ASP A 42 3.26 -1.28 7.28
N GLY A 43 2.18 -0.58 7.58
CA GLY A 43 2.24 0.46 8.58
C GLY A 43 2.56 1.81 7.97
N THR A 44 2.97 1.78 6.71
CA THR A 44 3.32 2.99 6.00
C THR A 44 2.17 3.38 5.06
N VAL A 45 1.77 4.65 5.11
CA VAL A 45 0.65 5.13 4.33
C VAL A 45 1.11 5.92 3.13
N ASP A 46 0.22 6.10 2.17
CA ASP A 46 0.54 6.90 0.99
C ASP A 46 0.19 8.35 1.24
N ASN A 47 1.09 9.25 0.90
CA ASN A 47 0.83 10.66 1.10
C ASN A 47 0.72 11.37 -0.24
N ASN A 48 0.15 12.57 -0.22
CA ASN A 48 -0.14 13.31 -1.46
C ASN A 48 1.10 13.75 -2.23
N HIS A 49 2.29 13.55 -1.66
CA HIS A 49 3.53 13.87 -2.35
C HIS A 49 3.88 12.76 -3.35
N GLY A 50 3.07 11.70 -3.39
CA GLY A 50 3.26 10.65 -4.37
C GLY A 50 4.10 9.49 -3.86
N LYS A 51 4.21 9.34 -2.55
CA LYS A 51 4.99 8.26 -1.98
C LYS A 51 4.42 7.79 -0.67
N CYS A 52 4.91 6.67 -0.18
CA CYS A 52 4.47 6.14 1.09
C CYS A 52 5.39 6.60 2.22
N VAL A 53 4.79 7.12 3.27
CA VAL A 53 5.51 7.65 4.43
C VAL A 53 4.76 7.30 5.70
N LYS A 54 5.31 7.64 6.82
CA LYS A 54 4.67 7.38 8.09
C LYS A 54 3.59 8.43 8.34
N LYS A 55 2.59 8.07 9.13
CA LYS A 55 1.44 8.97 9.40
C LYS A 55 1.85 10.32 10.00
N GLU A 56 3.08 10.41 10.49
CA GLU A 56 3.61 11.66 11.03
C GLU A 56 3.82 12.71 9.94
N ASN A 57 3.89 12.25 8.69
CA ASN A 57 4.08 13.13 7.54
C ASN A 57 2.75 13.42 6.85
N CYS A 58 1.67 13.01 7.47
CA CYS A 58 0.34 13.23 6.92
C CYS A 58 -0.23 14.54 7.43
N GLY A 1 3.78 -19.77 -6.72
CA GLY A 1 4.38 -18.72 -5.88
C GLY A 1 4.69 -17.48 -6.67
N SER A 2 5.35 -16.53 -6.03
CA SER A 2 5.70 -15.30 -6.69
C SER A 2 6.95 -15.47 -7.54
N MET A 3 6.74 -15.73 -8.82
CA MET A 3 7.82 -15.92 -9.78
C MET A 3 8.54 -14.60 -9.99
N ILE A 4 7.78 -13.54 -10.00
CA ILE A 4 8.33 -12.20 -10.15
C ILE A 4 8.69 -11.62 -8.79
N ARG A 5 9.88 -11.08 -8.69
CA ARG A 5 10.32 -10.48 -7.44
C ARG A 5 9.96 -9.01 -7.41
N CYS A 6 9.70 -8.51 -6.23
CA CYS A 6 9.36 -7.12 -6.05
C CYS A 6 10.51 -6.39 -5.38
N PRO A 7 10.59 -5.06 -5.55
CA PRO A 7 11.65 -4.24 -4.93
C PRO A 7 11.71 -4.45 -3.42
N LYS A 8 12.93 -4.51 -2.89
CA LYS A 8 13.16 -4.73 -1.46
C LYS A 8 12.53 -3.59 -0.63
N ASP A 9 12.34 -2.46 -1.28
CA ASP A 9 11.71 -1.27 -0.67
C ASP A 9 10.27 -1.57 -0.25
N LYS A 10 9.68 -2.57 -0.87
CA LYS A 10 8.30 -2.91 -0.62
C LYS A 10 8.17 -4.36 -0.20
N ILE A 11 6.94 -4.79 0.09
CA ILE A 11 6.70 -6.15 0.54
C ILE A 11 5.53 -6.79 -0.20
N TYR A 12 5.44 -8.11 -0.11
CA TYR A 12 4.37 -8.86 -0.74
C TYR A 12 3.25 -9.11 0.25
N LYS A 13 2.03 -8.95 -0.21
CA LYS A 13 0.86 -9.23 0.60
C LYS A 13 0.02 -10.31 -0.03
N PHE A 14 -0.45 -11.26 0.77
CA PHE A 14 -1.31 -12.33 0.29
C PHE A 14 -2.70 -11.78 0.00
N CYS A 15 -2.97 -10.62 0.56
CA CYS A 15 -4.19 -9.90 0.33
C CYS A 15 -3.93 -8.43 0.54
N GLY A 16 -4.28 -7.62 -0.43
CA GLY A 16 -4.08 -6.20 -0.33
C GLY A 16 -5.22 -5.43 -0.93
N SER A 17 -5.13 -4.13 -0.89
CA SER A 17 -6.17 -3.28 -1.41
C SER A 17 -5.62 -2.33 -2.47
N PRO A 18 -6.36 -2.17 -3.60
CA PRO A 18 -5.98 -1.22 -4.64
C PRO A 18 -6.08 0.21 -4.14
N CYS A 19 -6.86 0.39 -3.08
CA CYS A 19 -6.99 1.68 -2.44
C CYS A 19 -6.39 1.59 -1.04
N PRO A 20 -5.08 1.90 -0.90
CA PRO A 20 -4.37 1.83 0.37
C PRO A 20 -4.66 3.04 1.26
N PRO A 21 -4.41 2.92 2.57
CA PRO A 21 -4.62 4.02 3.52
C PRO A 21 -3.80 5.25 3.11
N SER A 22 -4.34 6.41 3.38
CA SER A 22 -3.69 7.64 2.98
C SER A 22 -3.69 8.64 4.12
N CYS A 23 -2.89 9.70 3.98
CA CYS A 23 -2.85 10.77 4.97
C CYS A 23 -4.14 11.56 4.95
N LYS A 24 -4.81 11.57 3.79
CA LYS A 24 -6.06 12.28 3.66
C LYS A 24 -7.21 11.43 4.24
N ASP A 25 -7.17 10.14 3.97
CA ASP A 25 -8.15 9.21 4.51
C ASP A 25 -7.45 7.98 5.04
N LEU A 26 -7.47 7.82 6.33
CA LEU A 26 -6.76 6.73 7.00
C LEU A 26 -7.46 5.38 6.77
N THR A 27 -8.72 5.42 6.37
CA THR A 27 -9.48 4.20 6.17
C THR A 27 -10.35 4.29 4.91
N PRO A 28 -9.78 3.95 3.74
CA PRO A 28 -10.48 4.01 2.45
C PRO A 28 -11.66 3.03 2.39
N ASN A 29 -12.66 3.39 1.61
CA ASN A 29 -13.85 2.56 1.46
C ASN A 29 -13.98 2.05 0.03
N CYS A 30 -13.77 0.77 -0.15
CA CYS A 30 -13.87 0.14 -1.46
C CYS A 30 -14.42 -1.27 -1.32
N THR A 31 -15.00 -1.79 -2.39
CA THR A 31 -15.52 -3.16 -2.42
C THR A 31 -14.42 -4.09 -2.97
N ARG A 32 -13.19 -3.72 -2.69
CA ARG A 32 -12.00 -4.41 -3.18
C ARG A 32 -11.91 -5.88 -2.78
N GLU A 33 -11.22 -6.64 -3.63
CA GLU A 33 -10.97 -8.05 -3.41
C GLU A 33 -9.57 -8.22 -2.84
N CYS A 34 -9.16 -9.45 -2.61
CA CYS A 34 -7.81 -9.71 -2.17
C CYS A 34 -6.89 -9.79 -3.36
N LYS A 35 -5.99 -8.84 -3.45
CA LYS A 35 -5.04 -8.80 -4.54
C LYS A 35 -3.67 -9.24 -4.07
N LYS A 36 -3.22 -10.37 -4.58
CA LYS A 36 -1.90 -10.87 -4.26
C LYS A 36 -0.86 -10.10 -5.04
N GLY A 37 -0.04 -9.35 -4.34
CA GLY A 37 0.96 -8.57 -5.00
C GLY A 37 1.81 -7.81 -4.02
N CYS A 38 2.58 -6.89 -4.53
CA CYS A 38 3.46 -6.11 -3.70
C CYS A 38 3.06 -4.66 -3.70
N PHE A 39 2.78 -4.15 -2.52
CA PHE A 39 2.35 -2.77 -2.34
C PHE A 39 3.33 -2.06 -1.42
N CYS A 40 3.02 -0.83 -1.05
CA CYS A 40 3.83 -0.09 -0.09
C CYS A 40 4.01 -0.91 1.18
N ARG A 41 5.05 -0.65 1.93
CA ARG A 41 5.32 -1.43 3.13
C ARG A 41 4.30 -1.10 4.20
N ASP A 42 3.79 -2.16 4.84
CA ASP A 42 2.73 -2.04 5.83
C ASP A 42 3.11 -1.07 6.94
N GLY A 43 2.22 -0.12 7.20
CA GLY A 43 2.49 0.90 8.19
C GLY A 43 2.76 2.23 7.52
N THR A 44 2.88 2.17 6.21
CA THR A 44 3.13 3.33 5.40
C THR A 44 1.83 3.71 4.66
N VAL A 45 1.55 5.00 4.58
CA VAL A 45 0.32 5.46 3.96
C VAL A 45 0.60 6.41 2.79
N ASP A 46 -0.34 6.51 1.87
CA ASP A 46 -0.19 7.38 0.72
C ASP A 46 -0.49 8.83 1.09
N ASN A 47 0.38 9.73 0.72
CA ASN A 47 0.18 11.13 1.06
C ASN A 47 -0.09 11.96 -0.20
N ASN A 48 -0.40 13.24 -0.03
CA ASN A 48 -0.78 14.11 -1.15
C ASN A 48 0.38 14.45 -2.09
N HIS A 49 1.57 13.93 -1.80
CA HIS A 49 2.71 14.16 -2.67
C HIS A 49 2.81 13.08 -3.74
N GLY A 50 1.84 12.16 -3.74
CA GLY A 50 1.77 11.15 -4.79
C GLY A 50 2.51 9.86 -4.48
N LYS A 51 2.78 9.60 -3.20
CA LYS A 51 3.50 8.39 -2.83
C LYS A 51 3.29 8.03 -1.36
N CYS A 52 3.79 6.88 -0.97
CA CYS A 52 3.63 6.39 0.40
C CYS A 52 4.72 6.93 1.33
N VAL A 53 4.32 7.33 2.52
CA VAL A 53 5.21 7.83 3.57
C VAL A 53 4.70 7.39 4.92
N LYS A 54 5.49 7.61 5.95
CA LYS A 54 5.08 7.27 7.30
C LYS A 54 3.97 8.20 7.75
N LYS A 55 3.06 7.69 8.57
CA LYS A 55 1.89 8.47 9.03
C LYS A 55 2.29 9.76 9.77
N GLU A 56 3.55 9.84 10.17
CA GLU A 56 4.04 11.03 10.85
C GLU A 56 4.17 12.21 9.86
N ASN A 57 4.09 11.91 8.57
CA ASN A 57 4.18 12.92 7.52
C ASN A 57 2.78 13.40 7.15
N CYS A 58 1.78 12.82 7.78
CA CYS A 58 0.41 13.17 7.49
C CYS A 58 -0.02 14.40 8.29
N GLY A 1 2.84 -16.65 -3.90
CA GLY A 1 3.17 -17.13 -5.25
C GLY A 1 4.06 -16.17 -5.99
N SER A 2 5.17 -16.67 -6.50
CA SER A 2 6.11 -15.86 -7.24
C SER A 2 5.66 -15.71 -8.69
N MET A 3 5.81 -14.50 -9.22
CA MET A 3 5.43 -14.20 -10.59
C MET A 3 5.94 -12.82 -10.97
N ILE A 4 5.35 -11.80 -10.36
CA ILE A 4 5.77 -10.44 -10.61
C ILE A 4 6.89 -10.07 -9.65
N ARG A 5 8.06 -9.78 -10.17
CA ARG A 5 9.18 -9.40 -9.35
C ARG A 5 9.09 -7.93 -8.98
N CYS A 6 8.70 -7.68 -7.76
CA CYS A 6 8.52 -6.33 -7.27
C CYS A 6 9.79 -5.80 -6.63
N PRO A 7 9.93 -4.47 -6.52
CA PRO A 7 11.07 -3.84 -5.84
C PRO A 7 11.08 -4.16 -4.36
N LYS A 8 12.23 -4.01 -3.72
CA LYS A 8 12.36 -4.29 -2.30
C LYS A 8 11.67 -3.20 -1.48
N ASP A 9 11.43 -2.06 -2.12
CA ASP A 9 10.75 -0.93 -1.46
C ASP A 9 9.32 -1.29 -1.08
N LYS A 10 8.83 -2.37 -1.67
CA LYS A 10 7.48 -2.85 -1.40
C LYS A 10 7.52 -4.27 -0.85
N ILE A 11 6.51 -4.62 -0.08
CA ILE A 11 6.45 -5.95 0.52
C ILE A 11 5.37 -6.78 -0.12
N TYR A 12 5.59 -8.07 -0.18
CA TYR A 12 4.64 -8.99 -0.77
C TYR A 12 3.54 -9.36 0.21
N LYS A 13 2.32 -9.11 -0.17
CA LYS A 13 1.17 -9.46 0.65
C LYS A 13 0.28 -10.44 -0.08
N PHE A 14 -0.28 -11.38 0.66
CA PHE A 14 -1.16 -12.39 0.09
C PHE A 14 -2.54 -11.77 -0.13
N CYS A 15 -2.78 -10.69 0.56
CA CYS A 15 -3.99 -9.92 0.41
C CYS A 15 -3.68 -8.45 0.56
N GLY A 16 -4.14 -7.67 -0.40
CA GLY A 16 -3.91 -6.25 -0.36
C GLY A 16 -5.12 -5.50 -0.83
N SER A 17 -5.03 -4.19 -0.84
CA SER A 17 -6.13 -3.36 -1.26
C SER A 17 -5.69 -2.39 -2.35
N PRO A 18 -6.46 -2.32 -3.47
CA PRO A 18 -6.21 -1.37 -4.55
C PRO A 18 -6.13 0.06 -4.01
N CYS A 19 -6.93 0.32 -3.00
CA CYS A 19 -6.94 1.60 -2.32
C CYS A 19 -6.24 1.47 -0.96
N PRO A 20 -4.98 1.93 -0.87
CA PRO A 20 -4.20 1.84 0.34
C PRO A 20 -4.39 3.06 1.25
N PRO A 21 -4.06 2.93 2.55
CA PRO A 21 -4.15 4.04 3.51
C PRO A 21 -3.36 5.25 3.04
N SER A 22 -3.95 6.42 3.18
CA SER A 22 -3.33 7.64 2.71
C SER A 22 -3.51 8.76 3.72
N CYS A 23 -2.88 9.89 3.48
CA CYS A 23 -3.03 11.05 4.35
C CYS A 23 -4.37 11.74 4.11
N LYS A 24 -4.89 11.58 2.89
CA LYS A 24 -6.18 12.16 2.54
C LYS A 24 -7.32 11.25 3.00
N ASP A 25 -7.07 9.95 2.96
CA ASP A 25 -8.02 8.96 3.44
C ASP A 25 -7.27 7.91 4.24
N LEU A 26 -7.32 8.03 5.56
CA LEU A 26 -6.59 7.15 6.45
C LEU A 26 -6.96 5.68 6.28
N THR A 27 -8.19 5.44 5.87
CA THR A 27 -8.65 4.08 5.64
C THR A 27 -9.77 4.07 4.60
N PRO A 28 -9.41 3.94 3.32
CA PRO A 28 -10.37 3.94 2.23
C PRO A 28 -11.30 2.73 2.27
N ASN A 29 -12.57 2.98 2.09
CA ASN A 29 -13.58 1.94 2.06
C ASN A 29 -13.92 1.60 0.62
N CYS A 30 -13.42 0.48 0.15
CA CYS A 30 -13.67 0.04 -1.20
C CYS A 30 -14.28 -1.36 -1.17
N THR A 31 -15.17 -1.63 -2.11
CA THR A 31 -15.81 -2.95 -2.22
C THR A 31 -14.86 -3.94 -2.93
N ARG A 32 -13.58 -3.73 -2.73
CA ARG A 32 -12.54 -4.50 -3.36
C ARG A 32 -12.38 -5.90 -2.76
N GLU A 33 -11.42 -6.62 -3.30
CA GLU A 33 -11.09 -7.96 -2.85
C GLU A 33 -9.59 -8.04 -2.60
N CYS A 34 -9.11 -9.21 -2.23
CA CYS A 34 -7.69 -9.38 -1.95
C CYS A 34 -6.89 -9.52 -3.23
N LYS A 35 -6.04 -8.55 -3.48
CA LYS A 35 -5.15 -8.57 -4.62
C LYS A 35 -3.75 -8.92 -4.14
N LYS A 36 -3.21 -9.99 -4.68
CA LYS A 36 -1.89 -10.43 -4.31
C LYS A 36 -0.84 -9.64 -5.03
N GLY A 37 0.24 -9.34 -4.36
CA GLY A 37 1.30 -8.58 -4.97
C GLY A 37 2.11 -7.84 -3.95
N CYS A 38 2.86 -6.87 -4.39
CA CYS A 38 3.69 -6.10 -3.49
C CYS A 38 3.19 -4.67 -3.41
N PHE A 39 2.92 -4.25 -2.19
CA PHE A 39 2.40 -2.91 -1.94
C PHE A 39 3.26 -2.21 -0.92
N CYS A 40 2.92 -0.97 -0.60
CA CYS A 40 3.65 -0.23 0.42
C CYS A 40 3.53 -0.95 1.76
N ARG A 41 4.51 -0.76 2.61
CA ARG A 41 4.55 -1.47 3.88
C ARG A 41 3.53 -0.94 4.85
N ASP A 42 2.91 -1.84 5.59
CA ASP A 42 1.96 -1.45 6.62
C ASP A 42 2.68 -0.64 7.68
N GLY A 43 2.07 0.43 8.11
CA GLY A 43 2.71 1.35 9.02
C GLY A 43 3.06 2.64 8.33
N THR A 44 3.12 2.58 7.01
CA THR A 44 3.35 3.74 6.19
C THR A 44 2.15 3.97 5.27
N VAL A 45 1.84 5.23 5.00
CA VAL A 45 0.67 5.57 4.21
C VAL A 45 1.07 6.34 2.95
N ASP A 46 0.18 6.37 1.99
CA ASP A 46 0.40 7.11 0.76
C ASP A 46 0.02 8.57 0.93
N ASN A 47 0.99 9.44 0.93
CA ASN A 47 0.70 10.85 1.08
C ASN A 47 0.43 11.48 -0.26
N ASN A 48 -0.14 12.65 -0.24
CA ASN A 48 -0.63 13.33 -1.44
C ASN A 48 0.50 13.72 -2.41
N HIS A 49 1.73 13.43 -2.04
CA HIS A 49 2.87 13.70 -2.90
C HIS A 49 3.17 12.49 -3.79
N GLY A 50 2.40 11.42 -3.61
CA GLY A 50 2.59 10.23 -4.42
C GLY A 50 3.63 9.30 -3.87
N LYS A 51 3.91 9.41 -2.58
CA LYS A 51 4.93 8.62 -1.95
C LYS A 51 4.39 8.01 -0.66
N CYS A 52 4.76 6.77 -0.37
CA CYS A 52 4.36 6.14 0.86
C CYS A 52 5.35 6.52 1.95
N VAL A 53 4.85 7.18 2.97
CA VAL A 53 5.68 7.71 4.04
C VAL A 53 5.08 7.38 5.38
N LYS A 54 5.78 7.75 6.44
CA LYS A 54 5.31 7.53 7.79
C LYS A 54 3.95 8.19 7.99
N LYS A 55 3.08 7.53 8.75
CA LYS A 55 1.72 8.03 9.00
C LYS A 55 1.74 9.36 9.76
N GLU A 56 2.88 9.71 10.33
CA GLU A 56 3.03 10.95 11.09
C GLU A 56 3.14 12.15 10.15
N ASN A 57 3.23 11.90 8.86
CA ASN A 57 3.33 12.96 7.86
C ASN A 57 1.96 13.48 7.50
N CYS A 58 0.94 12.75 7.91
CA CYS A 58 -0.41 13.13 7.62
C CYS A 58 -0.90 14.20 8.59
N GLY A 1 11.19 -21.43 -4.31
CA GLY A 1 9.88 -21.04 -4.85
C GLY A 1 9.77 -19.55 -5.03
N SER A 2 8.59 -19.09 -5.45
CA SER A 2 8.31 -17.67 -5.67
C SER A 2 9.17 -17.11 -6.82
N MET A 3 8.56 -16.96 -7.98
CA MET A 3 9.26 -16.44 -9.15
C MET A 3 9.26 -14.93 -9.13
N ILE A 4 8.20 -14.36 -8.58
CA ILE A 4 8.05 -12.92 -8.52
C ILE A 4 8.90 -12.31 -7.40
N ARG A 5 9.72 -11.37 -7.75
CA ARG A 5 10.55 -10.69 -6.79
C ARG A 5 10.46 -9.19 -7.00
N CYS A 6 10.10 -8.48 -5.96
CA CYS A 6 9.94 -7.04 -6.03
C CYS A 6 11.03 -6.36 -5.20
N PRO A 7 11.35 -5.08 -5.51
CA PRO A 7 12.37 -4.32 -4.79
C PRO A 7 12.13 -4.32 -3.28
N LYS A 8 13.22 -4.31 -2.52
CA LYS A 8 13.17 -4.33 -1.05
C LYS A 8 12.42 -3.12 -0.47
N ASP A 9 12.18 -2.11 -1.30
CA ASP A 9 11.41 -0.94 -0.86
C ASP A 9 9.96 -1.34 -0.66
N LYS A 10 9.57 -2.38 -1.36
CA LYS A 10 8.23 -2.89 -1.29
C LYS A 10 8.21 -4.26 -0.62
N ILE A 11 7.04 -4.70 -0.23
CA ILE A 11 6.86 -6.01 0.39
C ILE A 11 5.76 -6.76 -0.32
N TYR A 12 5.72 -8.06 -0.14
CA TYR A 12 4.70 -8.87 -0.76
C TYR A 12 3.46 -8.92 0.12
N LYS A 13 2.33 -8.56 -0.45
CA LYS A 13 1.08 -8.57 0.26
C LYS A 13 0.18 -9.63 -0.31
N PHE A 14 -0.26 -10.54 0.56
CA PHE A 14 -1.18 -11.59 0.15
C PHE A 14 -2.54 -10.98 -0.10
N CYS A 15 -2.82 -9.92 0.64
CA CYS A 15 -4.03 -9.19 0.46
C CYS A 15 -3.70 -7.71 0.37
N GLY A 16 -4.20 -7.09 -0.66
CA GLY A 16 -3.98 -5.69 -0.86
C GLY A 16 -5.24 -5.00 -1.29
N SER A 17 -5.17 -3.70 -1.48
CA SER A 17 -6.31 -2.93 -1.86
C SER A 17 -5.94 -1.89 -2.90
N PRO A 18 -6.82 -1.64 -3.89
CA PRO A 18 -6.61 -0.59 -4.89
C PRO A 18 -6.69 0.78 -4.23
N CYS A 19 -7.39 0.84 -3.11
CA CYS A 19 -7.49 2.04 -2.32
C CYS A 19 -6.73 1.85 -1.01
N PRO A 20 -5.47 2.29 -0.97
CA PRO A 20 -4.63 2.17 0.21
C PRO A 20 -4.88 3.30 1.21
N PRO A 21 -4.50 3.09 2.48
CA PRO A 21 -4.64 4.12 3.51
C PRO A 21 -3.81 5.35 3.14
N SER A 22 -4.41 6.50 3.27
CA SER A 22 -3.77 7.73 2.89
C SER A 22 -3.90 8.76 4.00
N CYS A 23 -3.11 9.82 3.93
CA CYS A 23 -3.20 10.90 4.90
C CYS A 23 -4.58 11.55 4.90
N LYS A 24 -5.24 11.47 3.75
CA LYS A 24 -6.59 12.00 3.63
C LYS A 24 -7.62 10.97 4.08
N ASP A 25 -7.35 9.71 3.80
CA ASP A 25 -8.27 8.64 4.19
C ASP A 25 -7.52 7.47 4.78
N LEU A 26 -7.39 7.48 6.11
CA LEU A 26 -6.66 6.44 6.83
C LEU A 26 -7.40 5.10 6.79
N THR A 27 -8.69 5.18 6.56
CA THR A 27 -9.52 3.99 6.47
C THR A 27 -10.49 4.11 5.30
N PRO A 28 -10.03 3.73 4.09
CA PRO A 28 -10.82 3.84 2.86
C PRO A 28 -11.99 2.86 2.83
N ASN A 29 -13.12 3.34 2.37
CA ASN A 29 -14.31 2.52 2.24
C ASN A 29 -14.43 2.01 0.82
N CYS A 30 -14.14 0.74 0.62
CA CYS A 30 -14.19 0.16 -0.71
C CYS A 30 -14.81 -1.23 -0.67
N THR A 31 -15.47 -1.60 -1.74
CA THR A 31 -16.05 -2.93 -1.88
C THR A 31 -15.05 -3.83 -2.64
N ARG A 32 -13.78 -3.51 -2.48
CA ARG A 32 -12.71 -4.20 -3.20
C ARG A 32 -12.40 -5.57 -2.59
N GLU A 33 -11.57 -6.31 -3.31
CA GLU A 33 -11.10 -7.60 -2.88
C GLU A 33 -9.61 -7.56 -2.64
N CYS A 34 -9.02 -8.68 -2.29
CA CYS A 34 -7.60 -8.73 -2.01
C CYS A 34 -6.79 -8.74 -3.29
N LYS A 35 -5.85 -7.81 -3.38
CA LYS A 35 -4.96 -7.73 -4.52
C LYS A 35 -3.61 -8.32 -4.14
N LYS A 36 -3.25 -9.40 -4.78
CA LYS A 36 -1.99 -10.07 -4.50
C LYS A 36 -0.87 -9.43 -5.30
N GLY A 37 0.08 -8.85 -4.61
CA GLY A 37 1.19 -8.22 -5.27
C GLY A 37 2.14 -7.59 -4.31
N CYS A 38 2.91 -6.64 -4.78
CA CYS A 38 3.89 -5.97 -3.93
C CYS A 38 3.49 -4.53 -3.71
N PHE A 39 3.42 -4.14 -2.46
CA PHE A 39 3.05 -2.79 -2.09
C PHE A 39 4.09 -2.21 -1.17
N CYS A 40 3.85 -1.01 -0.68
CA CYS A 40 4.77 -0.35 0.23
C CYS A 40 4.85 -1.11 1.56
N ARG A 41 5.66 -0.62 2.48
CA ARG A 41 5.82 -1.26 3.78
C ARG A 41 4.56 -1.05 4.60
N ASP A 42 3.85 -2.15 4.85
CA ASP A 42 2.59 -2.12 5.60
C ASP A 42 2.72 -1.35 6.89
N GLY A 43 1.73 -0.53 7.17
CA GLY A 43 1.78 0.29 8.35
C GLY A 43 1.97 1.74 8.02
N THR A 44 2.50 2.00 6.83
CA THR A 44 2.71 3.36 6.39
C THR A 44 1.49 3.84 5.61
N VAL A 45 1.53 5.06 5.15
CA VAL A 45 0.42 5.64 4.43
C VAL A 45 0.82 6.14 3.05
N ASP A 46 -0.11 6.06 2.15
CA ASP A 46 0.08 6.56 0.80
C ASP A 46 -0.39 8.00 0.74
N ASN A 47 0.43 8.87 0.20
CA ASN A 47 0.05 10.25 0.13
C ASN A 47 -0.12 10.70 -1.31
N ASN A 48 -0.83 11.80 -1.48
CA ASN A 48 -1.16 12.35 -2.80
C ASN A 48 0.08 12.77 -3.59
N HIS A 49 1.23 12.78 -2.94
CA HIS A 49 2.47 13.17 -3.61
C HIS A 49 3.00 12.04 -4.51
N GLY A 50 2.33 10.89 -4.46
CA GLY A 50 2.66 9.80 -5.36
C GLY A 50 3.53 8.72 -4.74
N LYS A 51 3.56 8.63 -3.43
CA LYS A 51 4.37 7.61 -2.76
C LYS A 51 3.90 7.35 -1.33
N CYS A 52 4.52 6.37 -0.68
CA CYS A 52 4.16 6.00 0.68
C CYS A 52 5.19 6.54 1.67
N VAL A 53 4.71 7.03 2.79
CA VAL A 53 5.59 7.58 3.84
C VAL A 53 5.08 7.19 5.20
N LYS A 54 5.83 7.56 6.23
CA LYS A 54 5.41 7.33 7.59
C LYS A 54 4.14 8.12 7.87
N LYS A 55 3.27 7.60 8.72
CA LYS A 55 1.99 8.24 9.02
C LYS A 55 2.18 9.59 9.73
N GLU A 56 3.39 9.83 10.22
CA GLU A 56 3.71 11.09 10.88
C GLU A 56 3.73 12.25 9.89
N ASN A 57 3.68 11.94 8.60
CA ASN A 57 3.65 12.96 7.56
C ASN A 57 2.24 13.46 7.34
N CYS A 58 1.29 12.74 7.90
CA CYS A 58 -0.10 13.11 7.77
C CYS A 58 -0.47 14.14 8.84
N GLY A 1 10.58 -21.92 -7.72
CA GLY A 1 9.51 -21.17 -8.39
C GLY A 1 9.98 -19.81 -8.85
N SER A 2 9.70 -19.49 -10.10
CA SER A 2 10.09 -18.22 -10.65
C SER A 2 9.09 -17.14 -10.21
N MET A 3 9.62 -16.04 -9.71
CA MET A 3 8.79 -14.95 -9.24
C MET A 3 9.59 -13.66 -9.22
N ILE A 4 8.91 -12.55 -9.26
CA ILE A 4 9.55 -11.26 -9.22
C ILE A 4 9.79 -10.84 -7.79
N ARG A 5 11.02 -10.49 -7.48
CA ARG A 5 11.38 -10.06 -6.15
C ARG A 5 11.48 -8.54 -6.11
N CYS A 6 10.47 -7.93 -5.55
CA CYS A 6 10.38 -6.47 -5.48
C CYS A 6 11.36 -5.90 -4.46
N PRO A 7 11.74 -4.61 -4.61
CA PRO A 7 12.64 -3.91 -3.69
C PRO A 7 12.14 -3.95 -2.24
N LYS A 8 13.05 -3.71 -1.29
CA LYS A 8 12.72 -3.76 0.15
C LYS A 8 11.61 -2.77 0.54
N ASP A 9 11.34 -1.83 -0.34
CA ASP A 9 10.30 -0.83 -0.11
C ASP A 9 8.91 -1.43 -0.23
N LYS A 10 8.79 -2.48 -1.04
CA LYS A 10 7.50 -3.12 -1.26
C LYS A 10 7.62 -4.62 -1.10
N ILE A 11 6.65 -5.21 -0.43
CA ILE A 11 6.68 -6.64 -0.19
C ILE A 11 5.50 -7.33 -0.83
N TYR A 12 5.66 -8.61 -1.13
CA TYR A 12 4.60 -9.39 -1.74
C TYR A 12 3.55 -9.76 -0.71
N LYS A 13 2.35 -9.31 -0.93
CA LYS A 13 1.24 -9.60 -0.05
C LYS A 13 0.21 -10.41 -0.79
N PHE A 14 -0.50 -11.26 -0.06
CA PHE A 14 -1.56 -12.06 -0.64
C PHE A 14 -2.84 -11.26 -0.61
N CYS A 15 -2.88 -10.27 0.25
CA CYS A 15 -3.99 -9.38 0.33
C CYS A 15 -3.50 -7.96 0.29
N GLY A 16 -4.06 -7.20 -0.61
CA GLY A 16 -3.72 -5.82 -0.75
C GLY A 16 -4.89 -5.06 -1.29
N SER A 17 -4.90 -3.78 -1.07
CA SER A 17 -5.99 -2.95 -1.51
C SER A 17 -5.52 -1.95 -2.54
N PRO A 18 -6.28 -1.79 -3.64
CA PRO A 18 -5.98 -0.79 -4.67
C PRO A 18 -6.05 0.61 -4.07
N CYS A 19 -6.82 0.74 -2.98
CA CYS A 19 -6.96 1.97 -2.24
C CYS A 19 -6.37 1.79 -0.82
N PRO A 20 -5.09 2.13 -0.65
CA PRO A 20 -4.40 2.00 0.64
C PRO A 20 -4.67 3.18 1.57
N PRO A 21 -4.44 2.99 2.90
CA PRO A 21 -4.61 4.07 3.89
C PRO A 21 -3.88 5.34 3.46
N SER A 22 -4.45 6.47 3.77
CA SER A 22 -3.88 7.73 3.35
C SER A 22 -3.95 8.77 4.45
N CYS A 23 -3.35 9.92 4.21
CA CYS A 23 -3.37 11.01 5.17
C CYS A 23 -4.74 11.67 5.23
N LYS A 24 -5.42 11.70 4.09
CA LYS A 24 -6.76 12.27 4.00
C LYS A 24 -7.79 11.30 4.54
N ASP A 25 -7.58 10.02 4.27
CA ASP A 25 -8.50 8.98 4.70
C ASP A 25 -7.70 7.83 5.26
N LEU A 26 -7.72 7.71 6.57
CA LEU A 26 -6.95 6.69 7.26
C LEU A 26 -7.37 5.29 6.86
N THR A 27 -8.66 5.12 6.65
CA THR A 27 -9.18 3.85 6.21
C THR A 27 -10.21 4.07 5.11
N PRO A 28 -9.77 4.09 3.84
CA PRO A 28 -10.64 4.30 2.70
C PRO A 28 -11.63 3.15 2.52
N ASN A 29 -12.87 3.49 2.28
CA ASN A 29 -13.90 2.50 2.09
C ASN A 29 -14.06 2.19 0.62
N CYS A 30 -13.77 0.96 0.24
CA CYS A 30 -13.89 0.53 -1.13
C CYS A 30 -14.58 -0.81 -1.18
N THR A 31 -14.97 -1.23 -2.37
CA THR A 31 -15.58 -2.54 -2.57
C THR A 31 -14.51 -3.50 -3.09
N ARG A 32 -13.27 -3.21 -2.72
CA ARG A 32 -12.11 -3.95 -3.17
C ARG A 32 -12.02 -5.34 -2.54
N GLU A 33 -11.15 -6.15 -3.10
CA GLU A 33 -10.87 -7.48 -2.60
C GLU A 33 -9.39 -7.61 -2.31
N CYS A 34 -8.97 -8.77 -1.86
CA CYS A 34 -7.56 -8.99 -1.59
C CYS A 34 -6.79 -9.28 -2.87
N LYS A 35 -5.88 -8.38 -3.21
CA LYS A 35 -5.09 -8.52 -4.42
C LYS A 35 -3.69 -9.02 -4.06
N LYS A 36 -3.13 -9.83 -4.94
CA LYS A 36 -1.82 -10.40 -4.72
C LYS A 36 -0.77 -9.63 -5.50
N GLY A 37 0.32 -9.30 -4.85
CA GLY A 37 1.38 -8.56 -5.51
C GLY A 37 2.22 -7.80 -4.52
N CYS A 38 3.07 -6.93 -5.01
CA CYS A 38 3.91 -6.14 -4.12
C CYS A 38 3.25 -4.81 -3.81
N PHE A 39 3.02 -4.56 -2.54
CA PHE A 39 2.40 -3.33 -2.11
C PHE A 39 3.29 -2.61 -1.14
N CYS A 40 2.92 -1.37 -0.81
CA CYS A 40 3.68 -0.57 0.15
C CYS A 40 3.85 -1.33 1.47
N ARG A 41 4.91 -0.99 2.18
CA ARG A 41 5.24 -1.68 3.41
C ARG A 41 4.27 -1.29 4.54
N ASP A 42 4.10 -2.19 5.50
CA ASP A 42 3.19 -1.97 6.62
C ASP A 42 3.54 -0.71 7.40
N GLY A 43 2.52 0.03 7.79
CA GLY A 43 2.74 1.25 8.55
C GLY A 43 3.00 2.44 7.65
N THR A 44 2.90 2.21 6.35
CA THR A 44 3.15 3.26 5.39
C THR A 44 1.85 3.63 4.68
N VAL A 45 1.56 4.91 4.61
CA VAL A 45 0.31 5.39 4.03
C VAL A 45 0.55 6.07 2.68
N ASP A 46 -0.49 6.16 1.89
CA ASP A 46 -0.42 6.85 0.61
C ASP A 46 -0.67 8.33 0.83
N ASN A 47 0.23 9.16 0.37
CA ASN A 47 0.10 10.59 0.56
C ASN A 47 -0.17 11.28 -0.77
N ASN A 48 -0.40 12.59 -0.71
CA ASN A 48 -0.77 13.37 -1.89
C ASN A 48 0.41 13.64 -2.82
N HIS A 49 1.56 13.04 -2.54
CA HIS A 49 2.71 13.18 -3.41
C HIS A 49 2.76 12.03 -4.41
N GLY A 50 1.76 11.14 -4.34
CA GLY A 50 1.67 10.03 -5.28
C GLY A 50 2.45 8.81 -4.86
N LYS A 51 2.75 8.72 -3.58
CA LYS A 51 3.53 7.62 -3.06
C LYS A 51 3.14 7.29 -1.64
N CYS A 52 3.75 6.25 -1.12
CA CYS A 52 3.54 5.86 0.26
C CYS A 52 4.66 6.45 1.11
N VAL A 53 4.29 6.98 2.26
CA VAL A 53 5.25 7.60 3.16
C VAL A 53 4.87 7.27 4.60
N LYS A 54 5.77 7.54 5.53
CA LYS A 54 5.47 7.37 6.92
C LYS A 54 4.28 8.24 7.29
N LYS A 55 3.33 7.66 7.99
CA LYS A 55 2.09 8.35 8.36
C LYS A 55 2.34 9.58 9.24
N GLU A 56 3.53 9.67 9.79
CA GLU A 56 3.91 10.81 10.60
C GLU A 56 4.10 12.06 9.72
N ASN A 57 4.06 11.87 8.40
CA ASN A 57 4.15 12.99 7.46
C ASN A 57 2.76 13.57 7.17
N CYS A 58 1.74 12.89 7.67
CA CYS A 58 0.37 13.32 7.45
C CYS A 58 0.06 14.55 8.29
N GLY A 1 8.06 -13.34 -17.57
CA GLY A 1 8.17 -13.66 -16.14
C GLY A 1 7.43 -12.65 -15.28
N SER A 2 6.47 -13.12 -14.53
CA SER A 2 5.70 -12.27 -13.64
C SER A 2 6.06 -12.56 -12.19
N MET A 3 5.53 -11.74 -11.27
CA MET A 3 5.85 -11.87 -9.85
C MET A 3 7.34 -11.82 -9.64
N ILE A 4 7.92 -10.67 -9.96
CA ILE A 4 9.36 -10.48 -9.87
C ILE A 4 9.82 -10.33 -8.42
N ARG A 5 11.12 -10.30 -8.24
CA ARG A 5 11.72 -10.13 -6.92
C ARG A 5 11.78 -8.65 -6.60
N CYS A 6 10.85 -8.20 -5.80
CA CYS A 6 10.75 -6.79 -5.47
C CYS A 6 11.74 -6.40 -4.37
N PRO A 7 12.36 -5.20 -4.51
CA PRO A 7 13.30 -4.66 -3.52
C PRO A 7 12.63 -4.40 -2.18
N LYS A 8 13.44 -4.29 -1.13
CA LYS A 8 12.96 -4.08 0.25
C LYS A 8 11.99 -2.89 0.39
N ASP A 9 11.99 -1.99 -0.59
CA ASP A 9 11.09 -0.83 -0.56
C ASP A 9 9.64 -1.27 -0.70
N LYS A 10 9.45 -2.42 -1.31
CA LYS A 10 8.11 -2.93 -1.57
C LYS A 10 7.98 -4.36 -1.09
N ILE A 11 6.83 -4.68 -0.55
CA ILE A 11 6.59 -6.01 -0.01
C ILE A 11 5.53 -6.73 -0.83
N TYR A 12 5.70 -8.04 -0.94
CA TYR A 12 4.74 -8.86 -1.66
C TYR A 12 3.72 -9.43 -0.69
N LYS A 13 2.48 -9.03 -0.84
CA LYS A 13 1.42 -9.54 0.00
C LYS A 13 0.43 -10.33 -0.83
N PHE A 14 -0.30 -11.21 -0.16
CA PHE A 14 -1.30 -12.02 -0.83
C PHE A 14 -2.61 -11.27 -0.91
N CYS A 15 -2.75 -10.24 -0.10
CA CYS A 15 -3.92 -9.43 -0.10
C CYS A 15 -3.56 -7.96 0.02
N GLY A 16 -4.10 -7.16 -0.87
CA GLY A 16 -3.88 -5.74 -0.84
C GLY A 16 -5.14 -5.00 -1.18
N SER A 17 -5.28 -3.81 -0.68
CA SER A 17 -6.47 -3.03 -0.91
C SER A 17 -6.23 -1.98 -2.00
N PRO A 18 -7.10 -1.96 -3.05
CA PRO A 18 -7.04 -0.95 -4.12
C PRO A 18 -7.19 0.46 -3.55
N CYS A 19 -7.79 0.54 -2.37
CA CYS A 19 -7.93 1.78 -1.66
C CYS A 19 -7.13 1.71 -0.36
N PRO A 20 -5.86 2.16 -0.41
CA PRO A 20 -4.96 2.12 0.73
C PRO A 20 -5.03 3.38 1.59
N PRO A 21 -4.54 3.30 2.86
CA PRO A 21 -4.49 4.45 3.76
C PRO A 21 -3.75 5.63 3.12
N SER A 22 -4.18 6.82 3.43
CA SER A 22 -3.61 8.00 2.84
C SER A 22 -3.71 9.19 3.78
N CYS A 23 -3.05 10.29 3.42
CA CYS A 23 -3.11 11.51 4.22
C CYS A 23 -4.51 12.12 4.18
N LYS A 24 -5.21 11.89 3.09
CA LYS A 24 -6.56 12.40 2.93
C LYS A 24 -7.56 11.53 3.67
N ASP A 25 -7.39 10.23 3.59
CA ASP A 25 -8.27 9.28 4.26
C ASP A 25 -7.44 8.17 4.88
N LEU A 26 -7.56 8.03 6.19
CA LEU A 26 -6.75 7.06 6.93
C LEU A 26 -7.27 5.63 6.76
N THR A 27 -8.58 5.48 6.68
CA THR A 27 -9.17 4.16 6.52
C THR A 27 -10.32 4.17 5.53
N PRO A 28 -10.05 3.78 4.28
CA PRO A 28 -11.05 3.71 3.24
C PRO A 28 -11.92 2.45 3.37
N ASN A 29 -13.22 2.63 3.23
CA ASN A 29 -14.14 1.50 3.28
C ASN A 29 -14.59 1.17 1.86
N CYS A 30 -14.16 0.03 1.37
CA CYS A 30 -14.47 -0.36 0.01
C CYS A 30 -15.01 -1.79 -0.02
N THR A 31 -15.69 -2.14 -1.10
CA THR A 31 -16.19 -3.49 -1.32
C THR A 31 -15.14 -4.26 -2.16
N ARG A 32 -13.89 -3.88 -1.96
CA ARG A 32 -12.77 -4.42 -2.72
C ARG A 32 -12.49 -5.90 -2.41
N GLU A 33 -11.55 -6.46 -3.15
CA GLU A 33 -11.12 -7.83 -2.98
C GLU A 33 -9.62 -7.86 -2.65
N CYS A 34 -9.07 -9.03 -2.50
CA CYS A 34 -7.64 -9.15 -2.18
C CYS A 34 -6.81 -9.30 -3.44
N LYS A 35 -5.94 -8.32 -3.67
CA LYS A 35 -5.03 -8.35 -4.79
C LYS A 35 -3.65 -8.71 -4.30
N LYS A 36 -3.04 -9.73 -4.87
CA LYS A 36 -1.71 -10.13 -4.45
C LYS A 36 -0.65 -9.52 -5.34
N GLY A 37 0.50 -9.23 -4.76
CA GLY A 37 1.58 -8.64 -5.50
C GLY A 37 2.42 -7.76 -4.63
N CYS A 38 3.26 -6.95 -5.24
CA CYS A 38 4.12 -6.06 -4.48
C CYS A 38 3.47 -4.72 -4.29
N PHE A 39 3.40 -4.29 -3.05
CA PHE A 39 2.83 -3.01 -2.68
C PHE A 39 3.81 -2.28 -1.79
N CYS A 40 3.40 -1.12 -1.30
CA CYS A 40 4.23 -0.36 -0.38
C CYS A 40 4.36 -1.10 0.95
N ARG A 41 5.13 -0.56 1.88
CA ARG A 41 5.30 -1.22 3.15
C ARG A 41 4.02 -1.10 3.97
N ASP A 42 3.50 -2.23 4.40
CA ASP A 42 2.22 -2.29 5.10
C ASP A 42 2.21 -1.39 6.33
N GLY A 43 1.23 -0.52 6.39
CA GLY A 43 1.12 0.39 7.51
C GLY A 43 1.45 1.81 7.12
N THR A 44 1.89 2.00 5.89
CA THR A 44 2.20 3.34 5.41
C THR A 44 0.99 3.96 4.72
N VAL A 45 1.07 5.26 4.53
CA VAL A 45 0.00 6.00 3.92
C VAL A 45 0.44 6.60 2.59
N ASP A 46 -0.51 6.76 1.70
CA ASP A 46 -0.26 7.39 0.42
C ASP A 46 -0.34 8.91 0.59
N ASN A 47 0.76 9.58 0.33
CA ASN A 47 0.80 11.03 0.47
C ASN A 47 0.54 11.72 -0.86
N ASN A 48 0.52 13.05 -0.85
CA ASN A 48 0.26 13.83 -2.06
C ASN A 48 1.50 13.88 -2.94
N HIS A 49 2.62 13.44 -2.40
CA HIS A 49 3.87 13.44 -3.14
C HIS A 49 3.99 12.20 -4.02
N GLY A 50 3.06 11.27 -3.86
CA GLY A 50 3.07 10.07 -4.67
C GLY A 50 3.88 8.96 -4.04
N LYS A 51 4.06 9.05 -2.74
CA LYS A 51 4.84 8.08 -2.02
C LYS A 51 4.07 7.49 -0.85
N CYS A 52 4.44 6.28 -0.48
CA CYS A 52 3.88 5.65 0.70
C CYS A 52 4.84 5.90 1.85
N VAL A 53 4.38 6.60 2.84
CA VAL A 53 5.21 7.04 3.96
C VAL A 53 4.52 6.82 5.28
N LYS A 54 5.22 7.13 6.34
CA LYS A 54 4.66 7.04 7.69
C LYS A 54 3.45 7.96 7.84
N LYS A 55 2.55 7.57 8.73
CA LYS A 55 1.34 8.35 9.01
C LYS A 55 1.67 9.77 9.52
N GLU A 56 2.88 9.93 10.03
CA GLU A 56 3.34 11.19 10.59
C GLU A 56 3.73 12.20 9.51
N ASN A 57 3.73 11.74 8.26
CA ASN A 57 4.06 12.61 7.13
C ASN A 57 2.83 13.38 6.67
N CYS A 58 1.70 13.05 7.24
CA CYS A 58 0.45 13.69 6.90
C CYS A 58 0.15 14.83 7.87
N GLY A 1 9.37 -22.34 -11.45
CA GLY A 1 8.67 -21.23 -12.10
C GLY A 1 9.35 -19.91 -11.84
N SER A 2 9.43 -19.07 -12.85
CA SER A 2 10.06 -17.78 -12.72
C SER A 2 9.08 -16.76 -12.15
N MET A 3 9.06 -16.66 -10.84
CA MET A 3 8.19 -15.72 -10.16
C MET A 3 8.91 -14.39 -10.00
N ILE A 4 8.30 -13.32 -10.46
CA ILE A 4 8.91 -12.01 -10.36
C ILE A 4 8.70 -11.43 -8.97
N ARG A 5 9.79 -11.25 -8.26
CA ARG A 5 9.76 -10.69 -6.93
C ARG A 5 10.40 -9.31 -6.95
N CYS A 6 9.83 -8.39 -6.21
CA CYS A 6 10.29 -7.02 -6.16
C CYS A 6 11.37 -6.84 -5.08
N PRO A 7 12.10 -5.70 -5.09
CA PRO A 7 13.16 -5.41 -4.10
C PRO A 7 12.67 -5.46 -2.66
N LYS A 8 13.61 -5.61 -1.73
CA LYS A 8 13.33 -5.72 -0.31
C LYS A 8 12.67 -4.46 0.27
N ASP A 9 12.73 -3.36 -0.47
CA ASP A 9 12.12 -2.10 -0.03
C ASP A 9 10.62 -2.15 -0.18
N LYS A 10 10.14 -3.21 -0.77
CA LYS A 10 8.73 -3.44 -0.97
C LYS A 10 8.37 -4.82 -0.48
N ILE A 11 7.12 -5.00 -0.10
CA ILE A 11 6.70 -6.27 0.47
C ILE A 11 5.59 -6.92 -0.35
N TYR A 12 5.46 -8.22 -0.21
CA TYR A 12 4.45 -8.98 -0.89
C TYR A 12 3.28 -9.29 0.04
N LYS A 13 2.11 -8.86 -0.34
CA LYS A 13 0.91 -9.14 0.44
C LYS A 13 -0.01 -10.07 -0.33
N PHE A 14 -0.67 -10.97 0.39
CA PHE A 14 -1.62 -11.88 -0.23
C PHE A 14 -2.98 -11.25 -0.31
N CYS A 15 -3.18 -10.21 0.47
CA CYS A 15 -4.39 -9.45 0.43
C CYS A 15 -4.09 -7.99 0.66
N GLY A 16 -4.58 -7.16 -0.21
CA GLY A 16 -4.38 -5.74 -0.12
C GLY A 16 -5.48 -5.01 -0.83
N SER A 17 -5.45 -3.71 -0.78
CA SER A 17 -6.48 -2.91 -1.39
C SER A 17 -5.86 -1.91 -2.36
N PRO A 18 -6.47 -1.72 -3.55
CA PRO A 18 -6.01 -0.72 -4.52
C PRO A 18 -6.14 0.69 -3.95
N CYS A 19 -7.02 0.84 -2.97
CA CYS A 19 -7.21 2.11 -2.29
C CYS A 19 -6.63 2.02 -0.87
N PRO A 20 -5.35 2.42 -0.70
CA PRO A 20 -4.68 2.37 0.59
C PRO A 20 -5.08 3.53 1.48
N PRO A 21 -4.86 3.40 2.81
CA PRO A 21 -5.16 4.47 3.76
C PRO A 21 -4.36 5.73 3.44
N SER A 22 -5.00 6.87 3.58
CA SER A 22 -4.35 8.12 3.26
C SER A 22 -4.16 8.94 4.53
N CYS A 23 -3.51 10.09 4.38
CA CYS A 23 -3.26 10.98 5.51
C CYS A 23 -4.54 11.66 5.96
N LYS A 24 -5.54 11.70 5.10
CA LYS A 24 -6.79 12.36 5.41
C LYS A 24 -7.91 11.35 5.66
N ASP A 25 -7.76 10.16 5.11
CA ASP A 25 -8.74 9.09 5.31
C ASP A 25 -8.02 7.78 5.60
N LEU A 26 -8.02 7.40 6.86
CA LEU A 26 -7.29 6.21 7.30
C LEU A 26 -7.97 4.90 6.91
N THR A 27 -9.21 4.96 6.47
CA THR A 27 -9.93 3.77 6.10
C THR A 27 -10.87 4.02 4.92
N PRO A 28 -10.41 3.73 3.69
CA PRO A 28 -11.21 3.90 2.50
C PRO A 28 -12.07 2.67 2.24
N ASN A 29 -13.34 2.90 1.96
CA ASN A 29 -14.28 1.83 1.69
C ASN A 29 -14.38 1.61 0.19
N CYS A 30 -13.91 0.47 -0.27
CA CYS A 30 -13.96 0.14 -1.67
C CYS A 30 -14.56 -1.25 -1.85
N THR A 31 -15.18 -1.49 -3.00
CA THR A 31 -15.78 -2.78 -3.33
C THR A 31 -14.69 -3.73 -3.88
N ARG A 32 -13.48 -3.54 -3.38
CA ARG A 32 -12.31 -4.25 -3.85
C ARG A 32 -12.22 -5.67 -3.30
N GLU A 33 -11.32 -6.45 -3.88
CA GLU A 33 -11.03 -7.80 -3.45
C GLU A 33 -9.61 -7.85 -2.89
N CYS A 34 -9.16 -9.03 -2.51
CA CYS A 34 -7.79 -9.18 -2.03
C CYS A 34 -6.82 -9.20 -3.19
N LYS A 35 -5.93 -8.23 -3.22
CA LYS A 35 -4.95 -8.12 -4.27
C LYS A 35 -3.61 -8.62 -3.78
N LYS A 36 -2.93 -9.39 -4.61
CA LYS A 36 -1.63 -9.93 -4.28
C LYS A 36 -0.58 -9.23 -5.11
N GLY A 37 0.60 -9.08 -4.58
CA GLY A 37 1.67 -8.47 -5.33
C GLY A 37 2.60 -7.67 -4.45
N CYS A 38 3.34 -6.79 -5.07
CA CYS A 38 4.29 -5.96 -4.37
C CYS A 38 3.64 -4.64 -3.97
N PHE A 39 3.64 -4.37 -2.70
CA PHE A 39 3.09 -3.15 -2.18
C PHE A 39 4.16 -2.40 -1.43
N CYS A 40 3.83 -1.22 -0.94
CA CYS A 40 4.75 -0.42 -0.16
C CYS A 40 5.00 -1.10 1.18
N ARG A 41 5.87 -0.53 2.00
CA ARG A 41 6.18 -1.15 3.28
C ARG A 41 5.00 -0.99 4.22
N ASP A 42 4.71 -2.04 4.96
CA ASP A 42 3.58 -2.07 5.88
C ASP A 42 3.70 -0.95 6.90
N GLY A 43 2.67 -0.13 6.99
CA GLY A 43 2.68 0.98 7.91
C GLY A 43 2.81 2.32 7.21
N THR A 44 2.89 2.29 5.88
CA THR A 44 2.99 3.52 5.10
C THR A 44 1.63 3.88 4.49
N VAL A 45 1.33 5.16 4.49
CA VAL A 45 0.06 5.65 3.99
C VAL A 45 0.24 6.39 2.67
N ASP A 46 -0.85 6.56 1.95
CA ASP A 46 -0.85 7.29 0.69
C ASP A 46 -1.03 8.77 0.98
N ASN A 47 0.01 9.54 0.74
CA ASN A 47 -0.03 10.96 1.02
C ASN A 47 -0.48 11.75 -0.20
N ASN A 48 -0.57 13.06 -0.07
CA ASN A 48 -1.05 13.92 -1.16
C ASN A 48 -0.04 13.98 -2.31
N HIS A 49 1.13 13.40 -2.09
CA HIS A 49 2.16 13.34 -3.13
C HIS A 49 1.91 12.12 -4.03
N GLY A 50 0.92 11.31 -3.66
CA GLY A 50 0.58 10.15 -4.47
C GLY A 50 1.48 8.96 -4.22
N LYS A 51 2.13 8.94 -3.08
CA LYS A 51 3.04 7.85 -2.76
C LYS A 51 2.84 7.37 -1.35
N CYS A 52 3.51 6.28 -1.01
CA CYS A 52 3.44 5.72 0.32
C CYS A 52 4.53 6.33 1.19
N VAL A 53 4.13 6.99 2.25
CA VAL A 53 5.07 7.62 3.15
C VAL A 53 4.73 7.26 4.59
N LYS A 54 5.57 7.70 5.50
CA LYS A 54 5.31 7.47 6.91
C LYS A 54 4.19 8.39 7.38
N LYS A 55 3.51 8.02 8.44
CA LYS A 55 2.40 8.82 8.96
C LYS A 55 2.89 10.17 9.50
N GLU A 56 4.19 10.28 9.69
CA GLU A 56 4.81 11.52 10.16
C GLU A 56 4.93 12.55 9.04
N ASN A 57 4.75 12.08 7.80
CA ASN A 57 4.82 12.95 6.62
C ASN A 57 3.49 13.63 6.38
N CYS A 58 2.47 13.15 7.04
CA CYS A 58 1.14 13.69 6.90
C CYS A 58 1.03 15.06 7.55
N GLY A 1 13.34 -15.30 -3.63
CA GLY A 1 12.47 -16.48 -3.78
C GLY A 1 11.28 -16.19 -4.64
N SER A 2 10.54 -17.24 -5.03
CA SER A 2 9.35 -17.11 -5.86
C SER A 2 9.69 -16.58 -7.25
N MET A 3 8.69 -16.43 -8.09
CA MET A 3 8.88 -15.92 -9.44
C MET A 3 9.07 -14.41 -9.43
N ILE A 4 8.13 -13.73 -8.79
CA ILE A 4 8.18 -12.28 -8.69
C ILE A 4 8.95 -11.85 -7.46
N ARG A 5 9.92 -10.98 -7.65
CA ARG A 5 10.70 -10.45 -6.55
C ARG A 5 10.78 -8.93 -6.70
N CYS A 6 10.33 -8.23 -5.69
CA CYS A 6 10.32 -6.78 -5.72
C CYS A 6 11.31 -6.22 -4.71
N PRO A 7 11.67 -4.91 -4.83
CA PRO A 7 12.60 -4.24 -3.91
C PRO A 7 12.22 -4.42 -2.43
N LYS A 8 13.19 -4.22 -1.55
CA LYS A 8 13.02 -4.40 -0.11
C LYS A 8 12.05 -3.36 0.46
N ASP A 9 11.99 -2.20 -0.17
CA ASP A 9 11.11 -1.11 0.26
C ASP A 9 9.66 -1.39 -0.11
N LYS A 10 9.44 -2.54 -0.71
CA LYS A 10 8.11 -2.97 -1.09
C LYS A 10 7.86 -4.37 -0.55
N ILE A 11 6.61 -4.74 -0.43
CA ILE A 11 6.27 -6.06 0.07
C ILE A 11 5.28 -6.75 -0.86
N TYR A 12 5.45 -8.04 -1.04
CA TYR A 12 4.56 -8.82 -1.86
C TYR A 12 3.46 -9.40 -1.00
N LYS A 13 2.24 -9.01 -1.26
CA LYS A 13 1.12 -9.50 -0.50
C LYS A 13 0.25 -10.37 -1.36
N PHE A 14 -0.31 -11.40 -0.75
CA PHE A 14 -1.21 -12.30 -1.43
C PHE A 14 -2.62 -11.76 -1.35
N CYS A 15 -2.81 -10.85 -0.42
CA CYS A 15 -4.06 -10.17 -0.26
C CYS A 15 -3.80 -8.75 0.20
N GLY A 16 -4.36 -7.80 -0.51
CA GLY A 16 -4.19 -6.42 -0.15
C GLY A 16 -5.29 -5.57 -0.72
N SER A 17 -5.53 -4.44 -0.09
CA SER A 17 -6.56 -3.53 -0.52
C SER A 17 -6.00 -2.56 -1.56
N PRO A 18 -6.70 -2.38 -2.69
CA PRO A 18 -6.30 -1.42 -3.73
C PRO A 18 -6.28 0.01 -3.18
N CYS A 19 -7.11 0.25 -2.17
CA CYS A 19 -7.18 1.55 -1.54
C CYS A 19 -6.49 1.49 -0.16
N PRO A 20 -5.25 2.00 -0.08
CA PRO A 20 -4.49 2.01 1.15
C PRO A 20 -4.70 3.31 1.94
N PRO A 21 -4.39 3.29 3.26
CA PRO A 21 -4.48 4.47 4.11
C PRO A 21 -3.64 5.63 3.56
N SER A 22 -4.13 6.83 3.72
CA SER A 22 -3.44 7.98 3.19
C SER A 22 -3.52 9.15 4.16
N CYS A 23 -2.81 10.23 3.86
CA CYS A 23 -2.85 11.44 4.69
C CYS A 23 -4.10 12.26 4.39
N LYS A 24 -4.87 11.80 3.42
CA LYS A 24 -6.11 12.46 3.05
C LYS A 24 -7.30 11.64 3.54
N ASP A 25 -7.16 10.33 3.48
CA ASP A 25 -8.19 9.42 3.95
C ASP A 25 -7.52 8.32 4.76
N LEU A 26 -7.80 8.29 6.04
CA LEU A 26 -7.15 7.37 6.96
C LEU A 26 -7.55 5.92 6.71
N THR A 27 -8.79 5.71 6.37
CA THR A 27 -9.30 4.38 6.10
C THR A 27 -10.52 4.46 5.18
N PRO A 28 -10.31 4.22 3.88
CA PRO A 28 -11.37 4.27 2.90
C PRO A 28 -12.12 2.95 2.77
N ASN A 29 -13.43 3.03 2.73
CA ASN A 29 -14.25 1.84 2.55
C ASN A 29 -14.36 1.52 1.07
N CYS A 30 -13.93 0.33 0.70
CA CYS A 30 -13.97 -0.08 -0.69
C CYS A 30 -14.48 -1.51 -0.81
N THR A 31 -14.78 -1.92 -2.03
CA THR A 31 -15.19 -3.30 -2.32
C THR A 31 -13.93 -4.18 -2.44
N ARG A 32 -12.91 -3.81 -1.65
CA ARG A 32 -11.61 -4.45 -1.67
C ARG A 32 -11.67 -5.97 -1.58
N GLU A 33 -10.95 -6.59 -2.47
CA GLU A 33 -10.81 -8.03 -2.50
C GLU A 33 -9.35 -8.37 -2.34
N CYS A 34 -9.02 -9.64 -2.33
CA CYS A 34 -7.62 -10.03 -2.18
C CYS A 34 -6.88 -9.92 -3.50
N LYS A 35 -5.97 -8.97 -3.56
CA LYS A 35 -5.14 -8.78 -4.73
C LYS A 35 -3.71 -9.17 -4.41
N LYS A 36 -3.08 -9.90 -5.32
CA LYS A 36 -1.70 -10.31 -5.15
C LYS A 36 -0.79 -9.34 -5.90
N GLY A 37 0.33 -9.02 -5.30
CA GLY A 37 1.26 -8.14 -5.94
C GLY A 37 2.15 -7.43 -4.95
N CYS A 38 2.96 -6.53 -5.45
CA CYS A 38 3.88 -5.79 -4.61
C CYS A 38 3.34 -4.40 -4.32
N PHE A 39 3.16 -4.10 -3.06
CA PHE A 39 2.66 -2.81 -2.64
C PHE A 39 3.66 -2.17 -1.69
N CYS A 40 3.30 -1.03 -1.14
CA CYS A 40 4.15 -0.38 -0.16
C CYS A 40 4.08 -1.15 1.16
N ARG A 41 4.68 -0.61 2.20
CA ARG A 41 4.67 -1.26 3.48
C ARG A 41 3.28 -1.15 4.10
N ASP A 42 2.68 -2.31 4.40
CA ASP A 42 1.33 -2.33 4.94
C ASP A 42 1.27 -1.60 6.27
N GLY A 43 0.40 -0.62 6.34
CA GLY A 43 0.29 0.19 7.54
C GLY A 43 0.83 1.58 7.33
N THR A 44 1.55 1.76 6.23
CA THR A 44 2.11 3.05 5.90
C THR A 44 1.11 3.82 5.04
N VAL A 45 1.15 5.15 5.11
CA VAL A 45 0.17 5.96 4.41
C VAL A 45 0.69 6.53 3.10
N ASP A 46 -0.22 6.73 2.18
CA ASP A 46 0.08 7.33 0.89
C ASP A 46 -0.20 8.83 0.97
N ASN A 47 0.73 9.63 0.48
CA ASN A 47 0.57 11.08 0.53
C ASN A 47 0.08 11.65 -0.80
N ASN A 48 -0.14 12.95 -0.83
CA ASN A 48 -0.61 13.63 -2.05
C ASN A 48 0.56 13.88 -2.99
N HIS A 49 1.74 13.41 -2.59
CA HIS A 49 2.93 13.55 -3.40
C HIS A 49 3.08 12.35 -4.34
N GLY A 50 2.37 11.29 -4.03
CA GLY A 50 2.41 10.10 -4.87
C GLY A 50 3.39 9.07 -4.34
N LYS A 51 3.71 9.16 -3.07
CA LYS A 51 4.68 8.26 -2.47
C LYS A 51 4.13 7.77 -1.13
N CYS A 52 4.44 6.53 -0.77
CA CYS A 52 4.02 6.01 0.51
C CYS A 52 5.02 6.43 1.56
N VAL A 53 4.56 7.18 2.54
CA VAL A 53 5.43 7.75 3.54
C VAL A 53 4.92 7.49 4.93
N LYS A 54 5.75 7.79 5.92
CA LYS A 54 5.40 7.59 7.31
C LYS A 54 4.16 8.40 7.68
N LYS A 55 3.39 7.90 8.63
CA LYS A 55 2.16 8.54 9.07
C LYS A 55 2.45 9.90 9.74
N GLU A 56 3.71 10.12 10.09
CA GLU A 56 4.14 11.37 10.70
C GLU A 56 4.25 12.48 9.65
N ASN A 57 4.19 12.10 8.37
CA ASN A 57 4.31 13.07 7.27
C ASN A 57 2.96 13.69 6.96
N CYS A 58 1.91 13.14 7.52
CA CYS A 58 0.57 13.64 7.29
C CYS A 58 0.37 14.95 8.03
N GLY A 1 -1.96 -11.61 -9.50
CA GLY A 1 -0.87 -12.48 -10.00
C GLY A 1 0.20 -12.70 -8.95
N SER A 2 1.23 -13.44 -9.30
CA SER A 2 2.34 -13.71 -8.40
C SER A 2 3.61 -14.02 -9.19
N MET A 3 4.70 -14.35 -8.48
CA MET A 3 5.99 -14.67 -9.12
C MET A 3 6.58 -13.44 -9.80
N ILE A 4 6.10 -12.28 -9.42
CA ILE A 4 6.58 -11.03 -9.99
C ILE A 4 7.78 -10.51 -9.20
N ARG A 5 8.81 -10.11 -9.91
CA ARG A 5 10.00 -9.59 -9.27
C ARG A 5 9.84 -8.10 -9.03
N CYS A 6 9.69 -7.73 -7.77
CA CYS A 6 9.48 -6.34 -7.39
C CYS A 6 10.70 -5.80 -6.65
N PRO A 7 10.80 -4.45 -6.55
CA PRO A 7 11.89 -3.79 -5.80
C PRO A 7 11.89 -4.20 -4.33
N LYS A 8 13.05 -4.16 -3.71
CA LYS A 8 13.20 -4.57 -2.32
C LYS A 8 12.43 -3.65 -1.36
N ASP A 9 12.28 -2.39 -1.75
CA ASP A 9 11.58 -1.41 -0.92
C ASP A 9 10.14 -1.83 -0.65
N LYS A 10 9.57 -2.55 -1.60
CA LYS A 10 8.19 -2.98 -1.51
C LYS A 10 8.10 -4.45 -1.11
N ILE A 11 7.03 -4.80 -0.42
CA ILE A 11 6.85 -6.14 0.08
C ILE A 11 5.70 -6.86 -0.60
N TYR A 12 5.76 -8.17 -0.62
CA TYR A 12 4.71 -8.98 -1.22
C TYR A 12 3.59 -9.19 -0.21
N LYS A 13 2.37 -8.92 -0.64
CA LYS A 13 1.21 -9.08 0.21
C LYS A 13 0.35 -10.23 -0.31
N PHE A 14 -0.13 -11.04 0.61
CA PHE A 14 -1.01 -12.15 0.26
C PHE A 14 -2.41 -11.62 0.02
N CYS A 15 -2.69 -10.50 0.66
CA CYS A 15 -3.93 -9.78 0.49
C CYS A 15 -3.68 -8.31 0.72
N GLY A 16 -4.09 -7.50 -0.23
CA GLY A 16 -3.92 -6.08 -0.10
C GLY A 16 -5.06 -5.33 -0.73
N SER A 17 -5.21 -4.09 -0.34
CA SER A 17 -6.26 -3.25 -0.86
C SER A 17 -5.69 -2.29 -1.90
N PRO A 18 -6.30 -2.25 -3.10
CA PRO A 18 -5.90 -1.30 -4.15
C PRO A 18 -6.06 0.14 -3.65
N CYS A 19 -6.94 0.29 -2.67
CA CYS A 19 -7.20 1.55 -2.03
C CYS A 19 -6.77 1.47 -0.56
N PRO A 20 -5.52 1.85 -0.27
CA PRO A 20 -4.97 1.84 1.06
C PRO A 20 -5.14 3.19 1.78
N PRO A 21 -5.04 3.20 3.13
CA PRO A 21 -5.12 4.44 3.90
C PRO A 21 -4.14 5.49 3.40
N SER A 22 -4.61 6.70 3.26
CA SER A 22 -3.79 7.76 2.74
C SER A 22 -3.88 8.98 3.61
N CYS A 23 -3.06 9.97 3.33
CA CYS A 23 -3.10 11.22 4.06
C CYS A 23 -4.26 12.06 3.55
N LYS A 24 -4.76 11.73 2.36
CA LYS A 24 -5.88 12.44 1.79
C LYS A 24 -7.19 11.87 2.37
N ASP A 25 -7.21 10.54 2.53
CA ASP A 25 -8.35 9.85 3.14
C ASP A 25 -7.80 8.81 4.12
N LEU A 26 -7.93 9.10 5.40
CA LEU A 26 -7.32 8.27 6.46
C LEU A 26 -7.96 6.89 6.59
N THR A 27 -9.24 6.79 6.31
CA THR A 27 -9.93 5.52 6.42
C THR A 27 -10.83 5.29 5.23
N PRO A 28 -10.33 4.58 4.22
CA PRO A 28 -11.08 4.30 3.00
C PRO A 28 -12.06 3.15 3.17
N ASN A 29 -13.13 3.19 2.41
CA ASN A 29 -14.12 2.14 2.43
C ASN A 29 -14.21 1.52 1.04
N CYS A 30 -13.77 0.29 0.93
CA CYS A 30 -13.78 -0.38 -0.34
C CYS A 30 -14.45 -1.75 -0.25
N THR A 31 -15.12 -2.13 -1.32
CA THR A 31 -15.75 -3.44 -1.42
C THR A 31 -14.84 -4.36 -2.24
N ARG A 32 -13.56 -4.04 -2.24
CA ARG A 32 -12.56 -4.74 -3.03
C ARG A 32 -12.29 -6.15 -2.51
N GLU A 33 -11.47 -6.87 -3.25
CA GLU A 33 -11.05 -8.21 -2.90
C GLU A 33 -9.56 -8.23 -2.59
N CYS A 34 -9.04 -9.39 -2.29
CA CYS A 34 -7.63 -9.51 -1.98
C CYS A 34 -6.77 -9.50 -3.23
N LYS A 35 -5.91 -8.51 -3.34
CA LYS A 35 -4.98 -8.41 -4.43
C LYS A 35 -3.60 -8.81 -3.95
N LYS A 36 -2.92 -9.60 -4.75
CA LYS A 36 -1.59 -10.04 -4.41
C LYS A 36 -0.57 -9.31 -5.25
N GLY A 37 0.60 -9.16 -4.71
CA GLY A 37 1.64 -8.48 -5.40
C GLY A 37 2.54 -7.76 -4.44
N CYS A 38 3.23 -6.76 -4.91
CA CYS A 38 4.12 -6.02 -4.05
C CYS A 38 3.63 -4.61 -3.86
N PHE A 39 3.41 -4.25 -2.61
CA PHE A 39 2.92 -2.93 -2.26
C PHE A 39 3.90 -2.26 -1.31
N CYS A 40 3.55 -1.07 -0.84
CA CYS A 40 4.40 -0.34 0.10
C CYS A 40 4.50 -1.09 1.43
N ARG A 41 5.23 -0.53 2.38
CA ARG A 41 5.39 -1.19 3.66
C ARG A 41 4.09 -1.13 4.45
N ASP A 42 3.60 -2.28 4.83
CA ASP A 42 2.35 -2.41 5.57
C ASP A 42 2.35 -1.54 6.81
N GLY A 43 1.33 -0.70 6.94
CA GLY A 43 1.24 0.17 8.09
C GLY A 43 1.49 1.63 7.75
N THR A 44 1.92 1.89 6.52
CA THR A 44 2.17 3.25 6.10
C THR A 44 0.99 3.82 5.32
N VAL A 45 1.07 5.08 4.95
CA VAL A 45 0.00 5.75 4.25
C VAL A 45 0.49 6.37 2.95
N ASP A 46 -0.43 6.54 2.01
CA ASP A 46 -0.15 7.17 0.74
C ASP A 46 -0.35 8.68 0.86
N ASN A 47 0.71 9.44 0.71
CA ASN A 47 0.61 10.89 0.80
C ASN A 47 0.40 11.50 -0.58
N ASN A 48 0.19 12.80 -0.63
CA ASN A 48 0.00 13.48 -1.88
C ASN A 48 1.33 13.92 -2.48
N HIS A 49 2.40 13.41 -1.89
CA HIS A 49 3.74 13.68 -2.36
C HIS A 49 4.16 12.61 -3.35
N GLY A 50 3.32 11.59 -3.50
CA GLY A 50 3.57 10.53 -4.47
C GLY A 50 4.29 9.33 -3.88
N LYS A 51 4.23 9.16 -2.57
CA LYS A 51 4.92 8.05 -1.92
C LYS A 51 4.17 7.55 -0.69
N CYS A 52 4.57 6.38 -0.22
CA CYS A 52 4.02 5.80 0.98
C CYS A 52 4.94 6.12 2.14
N VAL A 53 4.42 6.81 3.13
CA VAL A 53 5.22 7.25 4.25
C VAL A 53 4.57 6.94 5.58
N LYS A 54 5.28 7.26 6.65
CA LYS A 54 4.76 7.10 8.00
C LYS A 54 3.43 7.84 8.14
N LYS A 55 2.55 7.28 8.94
CA LYS A 55 1.22 7.86 9.12
C LYS A 55 1.28 9.24 9.79
N GLU A 56 2.41 9.55 10.38
CA GLU A 56 2.61 10.83 11.04
C GLU A 56 3.00 11.91 10.03
N ASN A 57 3.29 11.49 8.81
CA ASN A 57 3.70 12.42 7.75
C ASN A 57 2.50 13.02 7.04
N CYS A 58 1.32 12.74 7.55
CA CYS A 58 0.09 13.26 6.99
C CYS A 58 -0.18 14.66 7.51
N GLY A 1 4.01 -8.98 -11.70
CA GLY A 1 4.67 -8.53 -12.95
C GLY A 1 5.66 -9.56 -13.45
N SER A 2 6.51 -9.15 -14.38
CA SER A 2 7.50 -10.05 -14.93
C SER A 2 8.60 -10.34 -13.91
N MET A 3 8.97 -9.31 -13.16
CA MET A 3 10.00 -9.45 -12.14
C MET A 3 9.44 -10.20 -10.92
N ILE A 4 10.12 -11.26 -10.53
CA ILE A 4 9.66 -12.10 -9.42
C ILE A 4 9.99 -11.49 -8.04
N ARG A 5 10.90 -10.54 -8.02
CA ARG A 5 11.27 -9.89 -6.76
C ARG A 5 10.99 -8.40 -6.81
N CYS A 6 10.16 -7.95 -5.91
CA CYS A 6 9.81 -6.55 -5.83
C CYS A 6 10.85 -5.78 -5.02
N PRO A 7 11.01 -4.47 -5.28
CA PRO A 7 11.98 -3.63 -4.55
C PRO A 7 11.81 -3.70 -3.03
N LYS A 8 12.87 -3.30 -2.33
CA LYS A 8 12.92 -3.34 -0.86
C LYS A 8 11.76 -2.56 -0.21
N ASP A 9 11.34 -1.47 -0.86
CA ASP A 9 10.26 -0.63 -0.32
C ASP A 9 8.90 -1.21 -0.61
N LYS A 10 8.87 -2.41 -1.13
CA LYS A 10 7.63 -3.10 -1.42
C LYS A 10 7.65 -4.48 -0.81
N ILE A 11 6.55 -4.88 -0.21
CA ILE A 11 6.43 -6.18 0.39
C ILE A 11 5.26 -6.94 -0.18
N TYR A 12 5.42 -8.25 -0.30
CA TYR A 12 4.41 -9.10 -0.88
C TYR A 12 3.28 -9.39 0.12
N LYS A 13 2.06 -9.23 -0.33
CA LYS A 13 0.88 -9.51 0.48
C LYS A 13 0.00 -10.53 -0.24
N PHE A 14 -0.69 -11.36 0.53
CA PHE A 14 -1.59 -12.36 -0.04
C PHE A 14 -2.86 -11.70 -0.52
N CYS A 15 -3.26 -10.67 0.19
CA CYS A 15 -4.40 -9.88 -0.18
C CYS A 15 -4.13 -8.43 0.16
N GLY A 16 -4.32 -7.57 -0.82
CA GLY A 16 -4.10 -6.17 -0.61
C GLY A 16 -5.23 -5.35 -1.14
N SER A 17 -5.30 -4.12 -0.70
CA SER A 17 -6.34 -3.22 -1.13
C SER A 17 -5.79 -2.17 -2.08
N PRO A 18 -6.46 -1.97 -3.24
CA PRO A 18 -6.08 -0.93 -4.22
C PRO A 18 -6.16 0.46 -3.59
N CYS A 19 -7.00 0.58 -2.57
CA CYS A 19 -7.12 1.81 -1.82
C CYS A 19 -6.46 1.64 -0.45
N PRO A 20 -5.21 2.11 -0.31
CA PRO A 20 -4.48 2.02 0.94
C PRO A 20 -4.67 3.26 1.81
N PRO A 21 -4.38 3.16 3.12
CA PRO A 21 -4.49 4.28 4.06
C PRO A 21 -3.66 5.47 3.58
N SER A 22 -4.18 6.65 3.79
CA SER A 22 -3.53 7.86 3.35
C SER A 22 -3.73 8.97 4.38
N CYS A 23 -3.07 10.10 4.17
CA CYS A 23 -3.21 11.24 5.09
C CYS A 23 -4.64 11.80 5.03
N LYS A 24 -5.29 11.64 3.88
CA LYS A 24 -6.65 12.12 3.68
C LYS A 24 -7.67 11.05 4.07
N ASP A 25 -7.39 9.81 3.72
CA ASP A 25 -8.28 8.71 4.00
C ASP A 25 -7.56 7.69 4.88
N LEU A 26 -7.86 7.74 6.17
CA LEU A 26 -7.18 6.92 7.16
C LEU A 26 -7.61 5.46 7.10
N THR A 27 -8.87 5.25 6.83
CA THR A 27 -9.40 3.90 6.76
C THR A 27 -10.29 3.74 5.53
N PRO A 28 -9.70 3.27 4.43
CA PRO A 28 -10.38 3.11 3.16
C PRO A 28 -11.50 2.07 3.21
N ASN A 29 -12.63 2.46 2.67
CA ASN A 29 -13.77 1.56 2.53
C ASN A 29 -14.12 1.46 1.06
N CYS A 30 -13.75 0.34 0.46
CA CYS A 30 -13.96 0.16 -0.96
C CYS A 30 -14.56 -1.21 -1.24
N THR A 31 -15.17 -1.34 -2.40
CA THR A 31 -15.72 -2.62 -2.85
C THR A 31 -14.62 -3.40 -3.57
N ARG A 32 -13.39 -3.19 -3.09
CA ARG A 32 -12.20 -3.76 -3.67
C ARG A 32 -12.13 -5.28 -3.48
N GLU A 33 -11.24 -5.89 -4.25
CA GLU A 33 -11.03 -7.32 -4.20
C GLU A 33 -9.67 -7.61 -3.55
N CYS A 34 -9.32 -8.87 -3.45
CA CYS A 34 -8.01 -9.24 -2.94
C CYS A 34 -7.00 -9.28 -4.08
N LYS A 35 -6.05 -8.37 -4.04
CA LYS A 35 -5.02 -8.34 -5.05
C LYS A 35 -3.73 -8.87 -4.48
N LYS A 36 -3.14 -9.84 -5.16
CA LYS A 36 -1.92 -10.46 -4.71
C LYS A 36 -0.73 -9.80 -5.36
N GLY A 37 0.10 -9.15 -4.57
CA GLY A 37 1.25 -8.48 -5.11
C GLY A 37 2.05 -7.80 -4.04
N CYS A 38 2.93 -6.92 -4.46
CA CYS A 38 3.78 -6.20 -3.55
C CYS A 38 3.29 -4.77 -3.37
N PHE A 39 3.03 -4.40 -2.15
CA PHE A 39 2.56 -3.06 -1.85
C PHE A 39 3.59 -2.33 -1.01
N CYS A 40 3.26 -1.13 -0.57
CA CYS A 40 4.16 -0.33 0.25
C CYS A 40 4.47 -1.02 1.59
N ARG A 41 5.23 -0.36 2.44
CA ARG A 41 5.62 -0.95 3.70
C ARG A 41 4.42 -1.01 4.64
N ASP A 42 4.29 -2.12 5.34
CA ASP A 42 3.19 -2.36 6.26
C ASP A 42 3.17 -1.32 7.38
N GLY A 43 2.09 -0.56 7.45
CA GLY A 43 1.97 0.47 8.47
C GLY A 43 2.30 1.84 7.92
N THR A 44 2.73 1.89 6.67
CA THR A 44 3.06 3.12 6.01
C THR A 44 1.87 3.60 5.16
N VAL A 45 1.63 4.91 5.16
CA VAL A 45 0.49 5.46 4.45
C VAL A 45 0.87 6.04 3.09
N ASP A 46 -0.13 6.24 2.25
CA ASP A 46 0.05 6.81 0.93
C ASP A 46 -0.24 8.31 0.97
N ASN A 47 0.62 9.10 0.37
CA ASN A 47 0.44 10.55 0.37
C ASN A 47 0.06 11.04 -1.01
N ASN A 48 -0.43 12.26 -1.06
CA ASN A 48 -0.92 12.85 -2.31
C ASN A 48 0.22 13.33 -3.20
N HIS A 49 1.42 12.89 -2.92
CA HIS A 49 2.57 13.27 -3.72
C HIS A 49 2.93 12.16 -4.72
N GLY A 50 2.21 11.04 -4.63
CA GLY A 50 2.42 9.96 -5.58
C GLY A 50 3.27 8.82 -5.04
N LYS A 51 3.38 8.71 -3.73
CA LYS A 51 4.17 7.66 -3.13
C LYS A 51 3.76 7.44 -1.67
N CYS A 52 4.35 6.45 -1.03
CA CYS A 52 4.03 6.14 0.37
C CYS A 52 5.06 6.78 1.30
N VAL A 53 4.60 7.20 2.47
CA VAL A 53 5.45 7.83 3.46
C VAL A 53 4.94 7.49 4.85
N LYS A 54 5.78 7.62 5.85
CA LYS A 54 5.36 7.35 7.20
C LYS A 54 4.29 8.36 7.63
N LYS A 55 3.42 7.94 8.50
CA LYS A 55 2.25 8.72 8.90
C LYS A 55 2.58 10.07 9.58
N GLU A 56 3.82 10.29 10.01
CA GLU A 56 4.12 11.56 10.67
C GLU A 56 4.24 12.72 9.68
N ASN A 57 4.22 12.39 8.39
CA ASN A 57 4.26 13.42 7.34
C ASN A 57 2.87 13.96 7.07
N CYS A 58 1.87 13.31 7.62
CA CYS A 58 0.50 13.73 7.45
C CYS A 58 0.20 14.92 8.34
N GLY A 1 10.81 -5.56 -18.84
CA GLY A 1 9.44 -5.01 -18.72
C GLY A 1 8.76 -5.47 -17.45
N SER A 2 8.31 -6.72 -17.45
CA SER A 2 7.66 -7.29 -16.29
C SER A 2 8.69 -7.91 -15.35
N MET A 3 8.68 -7.48 -14.10
CA MET A 3 9.61 -8.00 -13.11
C MET A 3 8.88 -8.87 -12.11
N ILE A 4 9.47 -10.00 -11.77
CA ILE A 4 8.87 -10.94 -10.83
C ILE A 4 8.86 -10.35 -9.43
N ARG A 5 9.96 -9.73 -9.06
CA ARG A 5 10.07 -9.09 -7.76
C ARG A 5 9.98 -7.59 -7.90
N CYS A 6 9.09 -7.01 -7.13
CA CYS A 6 8.88 -5.57 -7.15
C CYS A 6 9.98 -4.89 -6.34
N PRO A 7 10.19 -3.57 -6.55
CA PRO A 7 11.17 -2.80 -5.78
C PRO A 7 11.03 -3.05 -4.28
N LYS A 8 12.17 -3.06 -3.59
CA LYS A 8 12.18 -3.37 -2.16
C LYS A 8 11.42 -2.32 -1.32
N ASP A 9 11.05 -1.22 -1.95
CA ASP A 9 10.23 -0.20 -1.31
C ASP A 9 8.84 -0.76 -1.02
N LYS A 10 8.54 -1.90 -1.63
CA LYS A 10 7.27 -2.56 -1.50
C LYS A 10 7.48 -4.05 -1.24
N ILE A 11 6.60 -4.63 -0.46
CA ILE A 11 6.69 -6.04 -0.10
C ILE A 11 5.51 -6.80 -0.68
N TYR A 12 5.65 -8.10 -0.80
CA TYR A 12 4.59 -8.95 -1.31
C TYR A 12 3.58 -9.25 -0.22
N LYS A 13 2.31 -9.15 -0.56
CA LYS A 13 1.23 -9.43 0.38
C LYS A 13 0.24 -10.42 -0.21
N PHE A 14 -0.33 -11.25 0.64
CA PHE A 14 -1.30 -12.24 0.22
C PHE A 14 -2.65 -11.58 -0.02
N CYS A 15 -2.87 -10.47 0.67
CA CYS A 15 -4.07 -9.70 0.51
C CYS A 15 -3.74 -8.23 0.58
N GLY A 16 -4.18 -7.49 -0.39
CA GLY A 16 -3.94 -6.07 -0.41
C GLY A 16 -5.15 -5.31 -0.90
N SER A 17 -5.09 -4.01 -0.83
CA SER A 17 -6.19 -3.18 -1.24
C SER A 17 -5.75 -2.18 -2.29
N PRO A 18 -6.50 -2.08 -3.42
CA PRO A 18 -6.22 -1.10 -4.48
C PRO A 18 -6.38 0.32 -3.97
N CYS A 19 -7.08 0.46 -2.86
CA CYS A 19 -7.26 1.73 -2.21
C CYS A 19 -6.61 1.68 -0.81
N PRO A 20 -5.36 2.15 -0.71
CA PRO A 20 -4.61 2.12 0.54
C PRO A 20 -4.81 3.40 1.38
N PRO A 21 -4.51 3.32 2.69
CA PRO A 21 -4.61 4.47 3.60
C PRO A 21 -3.66 5.60 3.19
N SER A 22 -4.12 6.81 3.28
CA SER A 22 -3.35 7.96 2.93
C SER A 22 -3.44 9.01 4.03
N CYS A 23 -2.92 10.20 3.76
CA CYS A 23 -3.02 11.29 4.72
C CYS A 23 -4.40 11.93 4.66
N LYS A 24 -5.04 11.81 3.50
CA LYS A 24 -6.37 12.35 3.30
C LYS A 24 -7.45 11.35 3.71
N ASP A 25 -7.18 10.08 3.47
CA ASP A 25 -8.14 9.03 3.83
C ASP A 25 -7.42 7.98 4.66
N LEU A 26 -7.77 7.92 5.92
CA LEU A 26 -7.10 7.04 6.86
C LEU A 26 -7.47 5.58 6.64
N THR A 27 -8.65 5.33 6.13
CA THR A 27 -9.11 3.97 5.88
C THR A 27 -10.20 3.94 4.81
N PRO A 28 -9.81 3.71 3.54
CA PRO A 28 -10.75 3.63 2.43
C PRO A 28 -11.46 2.28 2.41
N ASN A 29 -12.76 2.31 2.22
CA ASN A 29 -13.53 1.08 2.17
C ASN A 29 -14.06 0.85 0.76
N CYS A 30 -13.45 -0.06 0.06
CA CYS A 30 -13.83 -0.38 -1.30
C CYS A 30 -14.38 -1.80 -1.36
N THR A 31 -15.28 -2.06 -2.31
CA THR A 31 -15.89 -3.38 -2.47
C THR A 31 -14.94 -4.33 -3.23
N ARG A 32 -13.66 -4.10 -3.04
CA ARG A 32 -12.61 -4.86 -3.69
C ARG A 32 -12.37 -6.19 -3.01
N GLU A 33 -11.58 -7.01 -3.65
CA GLU A 33 -11.18 -8.31 -3.12
C GLU A 33 -9.71 -8.26 -2.72
N CYS A 34 -9.18 -9.38 -2.29
CA CYS A 34 -7.78 -9.42 -1.91
C CYS A 34 -6.90 -9.49 -3.14
N LYS A 35 -5.98 -8.55 -3.25
CA LYS A 35 -5.10 -8.48 -4.39
C LYS A 35 -3.74 -9.02 -4.02
N LYS A 36 -3.31 -10.06 -4.71
CA LYS A 36 -1.99 -10.63 -4.48
C LYS A 36 -0.97 -9.85 -5.28
N GLY A 37 -0.08 -9.18 -4.59
CA GLY A 37 0.92 -8.39 -5.26
C GLY A 37 1.83 -7.70 -4.29
N CYS A 38 2.42 -6.61 -4.72
CA CYS A 38 3.34 -5.87 -3.88
C CYS A 38 2.73 -4.56 -3.42
N PHE A 39 2.85 -4.29 -2.14
CA PHE A 39 2.34 -3.05 -1.55
C PHE A 39 3.36 -2.49 -0.59
N CYS A 40 3.09 -1.32 -0.05
CA CYS A 40 4.03 -0.69 0.86
C CYS A 40 4.06 -1.38 2.23
N ARG A 41 4.84 -0.83 3.15
CA ARG A 41 5.01 -1.41 4.47
C ARG A 41 3.75 -1.20 5.31
N ASP A 42 3.48 -2.15 6.19
CA ASP A 42 2.30 -2.07 7.06
C ASP A 42 2.44 -0.91 8.03
N GLY A 43 1.35 -0.21 8.28
CA GLY A 43 1.38 0.93 9.18
C GLY A 43 1.95 2.17 8.51
N THR A 44 2.16 2.08 7.21
CA THR A 44 2.69 3.18 6.44
C THR A 44 1.62 3.64 5.44
N VAL A 45 1.46 4.94 5.32
CA VAL A 45 0.41 5.48 4.47
C VAL A 45 0.95 5.98 3.14
N ASP A 46 0.04 6.20 2.22
CA ASP A 46 0.36 6.74 0.91
C ASP A 46 0.15 8.25 0.92
N ASN A 47 1.11 8.98 0.40
CA ASN A 47 0.98 10.42 0.35
C ASN A 47 0.77 10.90 -1.07
N ASN A 48 0.36 12.14 -1.21
CA ASN A 48 0.15 12.71 -2.54
C ASN A 48 1.45 13.29 -3.09
N HIS A 49 2.55 12.91 -2.45
CA HIS A 49 3.87 13.34 -2.89
C HIS A 49 4.43 12.31 -3.87
N GLY A 50 3.68 11.22 -4.07
CA GLY A 50 4.07 10.22 -5.02
C GLY A 50 4.76 9.02 -4.40
N LYS A 51 4.55 8.80 -3.11
CA LYS A 51 5.18 7.68 -2.43
C LYS A 51 4.45 7.32 -1.13
N CYS A 52 4.88 6.24 -0.50
CA CYS A 52 4.38 5.89 0.81
C CYS A 52 5.30 6.51 1.84
N VAL A 53 4.72 7.00 2.92
CA VAL A 53 5.49 7.73 3.90
C VAL A 53 4.96 7.46 5.31
N LYS A 54 5.76 7.82 6.30
CA LYS A 54 5.37 7.68 7.68
C LYS A 54 4.06 8.44 7.92
N LYS A 55 3.16 7.81 8.65
CA LYS A 55 1.84 8.39 8.93
C LYS A 55 1.93 9.74 9.66
N GLU A 56 3.07 9.98 10.30
CA GLU A 56 3.29 11.23 11.02
C GLU A 56 3.63 12.38 10.07
N ASN A 57 3.87 12.06 8.82
CA ASN A 57 4.18 13.08 7.81
C ASN A 57 2.90 13.64 7.22
N CYS A 58 1.79 13.21 7.79
CA CYS A 58 0.49 13.68 7.37
C CYS A 58 0.04 14.83 8.27
N GLY A 1 5.84 -9.86 -16.13
CA GLY A 1 6.97 -8.94 -15.87
C GLY A 1 7.34 -8.86 -14.40
N SER A 2 6.59 -9.56 -13.56
CA SER A 2 6.85 -9.55 -12.13
C SER A 2 7.98 -10.54 -11.81
N MET A 3 8.94 -10.09 -11.02
CA MET A 3 10.05 -10.93 -10.64
C MET A 3 9.86 -11.46 -9.23
N ILE A 4 10.82 -12.26 -8.77
CA ILE A 4 10.78 -12.81 -7.43
C ILE A 4 11.04 -11.71 -6.38
N ARG A 5 11.70 -10.64 -6.81
CA ARG A 5 11.99 -9.54 -5.93
C ARG A 5 11.28 -8.28 -6.39
N CYS A 6 10.30 -7.86 -5.63
CA CYS A 6 9.58 -6.63 -5.89
C CYS A 6 10.37 -5.48 -5.32
N PRO A 7 10.19 -4.24 -5.85
CA PRO A 7 10.90 -3.05 -5.36
C PRO A 7 10.93 -2.99 -3.83
N LYS A 8 12.08 -2.62 -3.28
CA LYS A 8 12.28 -2.60 -1.83
C LYS A 8 11.42 -1.54 -1.15
N ASP A 9 10.90 -0.62 -1.94
CA ASP A 9 9.99 0.41 -1.44
C ASP A 9 8.68 -0.24 -0.99
N LYS A 10 8.47 -1.45 -1.44
CA LYS A 10 7.26 -2.19 -1.15
C LYS A 10 7.59 -3.61 -0.69
N ILE A 11 6.55 -4.34 -0.31
CA ILE A 11 6.72 -5.71 0.17
C ILE A 11 5.69 -6.62 -0.44
N TYR A 12 5.90 -7.93 -0.31
CA TYR A 12 4.98 -8.90 -0.85
C TYR A 12 3.77 -9.05 0.07
N LYS A 13 2.60 -8.90 -0.50
CA LYS A 13 1.36 -9.00 0.26
C LYS A 13 0.46 -10.08 -0.33
N PHE A 14 -0.15 -10.85 0.52
CA PHE A 14 -1.06 -11.89 0.11
C PHE A 14 -2.44 -11.29 -0.13
N CYS A 15 -2.70 -10.23 0.59
CA CYS A 15 -3.95 -9.50 0.45
C CYS A 15 -3.66 -8.01 0.51
N GLY A 16 -4.17 -7.29 -0.47
CA GLY A 16 -3.98 -5.87 -0.52
C GLY A 16 -5.20 -5.19 -1.07
N SER A 17 -5.21 -3.87 -1.02
CA SER A 17 -6.32 -3.11 -1.51
C SER A 17 -5.89 -2.19 -2.66
N PRO A 18 -6.70 -2.12 -3.74
CA PRO A 18 -6.43 -1.22 -4.88
C PRO A 18 -6.49 0.24 -4.45
N CYS A 19 -7.13 0.47 -3.32
CA CYS A 19 -7.21 1.79 -2.74
C CYS A 19 -6.41 1.81 -1.44
N PRO A 20 -5.11 2.16 -1.52
CA PRO A 20 -4.23 2.18 -0.37
C PRO A 20 -4.51 3.35 0.55
N PRO A 21 -4.30 3.17 1.87
CA PRO A 21 -4.51 4.22 2.86
C PRO A 21 -3.64 5.43 2.56
N SER A 22 -4.19 6.61 2.75
CA SER A 22 -3.49 7.83 2.45
C SER A 22 -3.49 8.76 3.64
N CYS A 23 -2.80 9.87 3.51
CA CYS A 23 -2.75 10.88 4.57
C CYS A 23 -4.08 11.63 4.68
N LYS A 24 -4.88 11.58 3.63
CA LYS A 24 -6.18 12.24 3.64
C LYS A 24 -7.26 11.27 4.08
N ASP A 25 -7.08 10.00 3.76
CA ASP A 25 -8.01 8.96 4.15
C ASP A 25 -7.22 7.77 4.67
N LEU A 26 -7.15 7.65 5.98
CA LEU A 26 -6.35 6.61 6.62
C LEU A 26 -6.89 5.22 6.33
N THR A 27 -8.16 5.14 6.00
CA THR A 27 -8.78 3.86 5.67
C THR A 27 -9.90 4.07 4.67
N PRO A 28 -9.58 3.98 3.36
CA PRO A 28 -10.57 4.18 2.29
C PRO A 28 -11.67 3.12 2.34
N ASN A 29 -12.82 3.46 1.79
CA ASN A 29 -13.94 2.53 1.76
C ASN A 29 -14.11 1.93 0.38
N CYS A 30 -13.77 0.68 0.25
CA CYS A 30 -13.86 0.00 -1.03
C CYS A 30 -14.47 -1.38 -0.84
N THR A 31 -15.24 -1.80 -1.82
CA THR A 31 -15.87 -3.12 -1.81
C THR A 31 -14.94 -4.12 -2.52
N ARG A 32 -13.65 -3.85 -2.39
CA ARG A 32 -12.63 -4.64 -3.05
C ARG A 32 -12.43 -6.00 -2.41
N GLU A 33 -11.60 -6.80 -3.05
CA GLU A 33 -11.24 -8.10 -2.55
C GLU A 33 -9.73 -8.16 -2.35
N CYS A 34 -9.22 -9.30 -1.95
CA CYS A 34 -7.80 -9.43 -1.71
C CYS A 34 -7.01 -9.59 -2.99
N LYS A 35 -6.11 -8.65 -3.23
CA LYS A 35 -5.25 -8.67 -4.38
C LYS A 35 -3.87 -9.14 -3.97
N LYS A 36 -3.39 -10.16 -4.64
CA LYS A 36 -2.09 -10.75 -4.33
C LYS A 36 -1.01 -10.10 -5.16
N GLY A 37 0.09 -9.74 -4.53
CA GLY A 37 1.16 -9.09 -5.24
C GLY A 37 2.08 -8.35 -4.30
N CYS A 38 2.58 -7.23 -4.73
CA CYS A 38 3.47 -6.45 -3.91
C CYS A 38 2.95 -5.03 -3.74
N PHE A 39 2.73 -4.63 -2.50
CA PHE A 39 2.20 -3.31 -2.17
C PHE A 39 3.10 -2.65 -1.13
N CYS A 40 2.80 -1.41 -0.78
CA CYS A 40 3.58 -0.67 0.22
C CYS A 40 3.64 -1.41 1.56
N ARG A 41 4.52 -0.96 2.43
CA ARG A 41 4.75 -1.62 3.72
C ARG A 41 3.59 -1.36 4.68
N ASP A 42 3.53 -2.16 5.74
CA ASP A 42 2.47 -2.03 6.73
C ASP A 42 2.77 -0.88 7.68
N GLY A 43 1.77 -0.08 7.98
CA GLY A 43 1.96 1.04 8.87
C GLY A 43 2.32 2.30 8.12
N THR A 44 2.65 2.16 6.85
CA THR A 44 2.99 3.29 6.03
C THR A 44 1.89 3.56 5.02
N VAL A 45 1.51 4.81 4.92
CA VAL A 45 0.43 5.20 4.04
C VAL A 45 0.95 5.93 2.81
N ASP A 46 0.12 5.98 1.80
CA ASP A 46 0.44 6.67 0.57
C ASP A 46 0.08 8.14 0.70
N ASN A 47 1.07 8.99 0.79
CA ASN A 47 0.80 10.41 0.92
C ASN A 47 0.38 10.97 -0.42
N ASN A 48 -0.18 12.16 -0.41
CA ASN A 48 -0.64 12.79 -1.63
C ASN A 48 0.52 13.43 -2.36
N HIS A 49 1.72 13.01 -2.02
CA HIS A 49 2.93 13.49 -2.65
C HIS A 49 3.47 12.44 -3.60
N GLY A 50 2.87 11.24 -3.56
CA GLY A 50 3.27 10.19 -4.47
C GLY A 50 4.25 9.20 -3.86
N LYS A 51 4.27 9.10 -2.54
CA LYS A 51 5.21 8.21 -1.89
C LYS A 51 4.59 7.59 -0.63
N CYS A 52 4.88 6.32 -0.39
CA CYS A 52 4.40 5.67 0.83
C CYS A 52 5.36 5.96 1.96
N VAL A 53 4.86 6.62 2.98
CA VAL A 53 5.67 7.08 4.09
C VAL A 53 4.98 6.80 5.39
N LYS A 54 5.65 7.11 6.48
CA LYS A 54 5.07 6.96 7.78
C LYS A 54 3.94 7.97 7.94
N LYS A 55 2.91 7.55 8.65
CA LYS A 55 1.71 8.35 8.83
C LYS A 55 1.97 9.68 9.55
N GLU A 56 3.15 9.83 10.15
CA GLU A 56 3.52 11.07 10.83
C GLU A 56 3.71 12.23 9.84
N ASN A 57 3.81 11.92 8.54
CA ASN A 57 3.95 12.97 7.52
C ASN A 57 2.60 13.50 7.10
N CYS A 58 1.57 12.88 7.62
CA CYS A 58 0.21 13.25 7.30
C CYS A 58 -0.22 14.45 8.15
N GLY A 1 8.16 -13.04 -17.69
CA GLY A 1 7.39 -13.21 -16.44
C GLY A 1 6.74 -11.91 -16.03
N SER A 2 5.85 -11.98 -15.05
CA SER A 2 5.15 -10.81 -14.58
C SER A 2 5.35 -10.63 -13.08
N MET A 3 6.11 -9.60 -12.71
CA MET A 3 6.38 -9.29 -11.31
C MET A 3 7.08 -10.43 -10.58
N ILE A 4 8.38 -10.51 -10.74
CA ILE A 4 9.16 -11.53 -10.06
C ILE A 4 9.54 -11.05 -8.68
N ARG A 5 10.06 -9.83 -8.63
CA ARG A 5 10.43 -9.20 -7.38
C ARG A 5 9.99 -7.75 -7.38
N CYS A 6 9.69 -7.24 -6.22
CA CYS A 6 9.25 -5.88 -6.08
C CYS A 6 10.31 -5.05 -5.35
N PRO A 7 10.27 -3.71 -5.51
CA PRO A 7 11.25 -2.82 -4.90
C PRO A 7 11.34 -2.98 -3.38
N LYS A 8 12.55 -2.83 -2.85
CA LYS A 8 12.84 -3.01 -1.42
C LYS A 8 11.97 -2.12 -0.51
N ASP A 9 11.42 -1.04 -1.05
CA ASP A 9 10.58 -0.13 -0.25
C ASP A 9 9.20 -0.74 -0.04
N LYS A 10 8.88 -1.74 -0.85
CA LYS A 10 7.60 -2.42 -0.76
C LYS A 10 7.79 -3.91 -0.49
N ILE A 11 6.70 -4.62 -0.27
CA ILE A 11 6.74 -6.06 -0.02
C ILE A 11 5.56 -6.77 -0.69
N TYR A 12 5.73 -8.05 -0.97
CA TYR A 12 4.71 -8.84 -1.62
C TYR A 12 3.56 -9.16 -0.66
N LYS A 13 2.34 -9.12 -1.17
CA LYS A 13 1.15 -9.40 -0.39
C LYS A 13 0.19 -10.26 -1.21
N PHE A 14 -0.43 -11.23 -0.56
CA PHE A 14 -1.40 -12.08 -1.22
C PHE A 14 -2.76 -11.39 -1.27
N CYS A 15 -2.96 -10.47 -0.35
CA CYS A 15 -4.16 -9.69 -0.32
C CYS A 15 -3.81 -8.24 -0.06
N GLY A 16 -4.32 -7.38 -0.90
CA GLY A 16 -4.10 -5.97 -0.76
C GLY A 16 -5.24 -5.19 -1.31
N SER A 17 -5.33 -3.94 -0.94
CA SER A 17 -6.40 -3.10 -1.39
C SER A 17 -5.90 -2.13 -2.45
N PRO A 18 -6.62 -2.02 -3.59
CA PRO A 18 -6.30 -1.06 -4.65
C PRO A 18 -6.33 0.37 -4.11
N CYS A 19 -7.04 0.55 -3.00
CA CYS A 19 -7.11 1.81 -2.32
C CYS A 19 -6.42 1.66 -0.94
N PRO A 20 -5.10 1.88 -0.90
CA PRO A 20 -4.33 1.74 0.34
C PRO A 20 -4.48 2.95 1.24
N PRO A 21 -4.18 2.79 2.56
CA PRO A 21 -4.25 3.89 3.53
C PRO A 21 -3.44 5.08 3.06
N SER A 22 -4.02 6.26 3.17
CA SER A 22 -3.39 7.46 2.70
C SER A 22 -3.44 8.56 3.75
N CYS A 23 -2.84 9.70 3.42
CA CYS A 23 -2.88 10.85 4.33
C CYS A 23 -4.25 11.50 4.35
N LYS A 24 -5.01 11.27 3.30
CA LYS A 24 -6.35 11.82 3.21
C LYS A 24 -7.35 10.90 3.90
N ASP A 25 -7.16 9.60 3.72
CA ASP A 25 -8.02 8.62 4.34
C ASP A 25 -7.19 7.50 4.92
N LEU A 26 -7.25 7.35 6.22
CA LEU A 26 -6.44 6.37 6.91
C LEU A 26 -6.93 4.94 6.66
N THR A 27 -8.19 4.81 6.32
CA THR A 27 -8.77 3.51 6.03
C THR A 27 -9.83 3.66 4.92
N PRO A 28 -9.39 3.65 3.66
CA PRO A 28 -10.28 3.84 2.51
C PRO A 28 -11.43 2.85 2.48
N ASN A 29 -12.62 3.37 2.21
CA ASN A 29 -13.82 2.56 2.13
C ASN A 29 -14.00 2.05 0.72
N CYS A 30 -13.72 0.79 0.52
CA CYS A 30 -13.86 0.19 -0.79
C CYS A 30 -14.42 -1.21 -0.67
N THR A 31 -15.25 -1.60 -1.62
CA THR A 31 -15.80 -2.95 -1.66
C THR A 31 -14.82 -3.85 -2.43
N ARG A 32 -13.54 -3.51 -2.32
CA ARG A 32 -12.47 -4.19 -3.00
C ARG A 32 -12.31 -5.65 -2.55
N GLU A 33 -11.55 -6.39 -3.31
CA GLU A 33 -11.28 -7.78 -3.01
C GLU A 33 -9.79 -7.95 -2.78
N CYS A 34 -9.36 -9.17 -2.52
CA CYS A 34 -7.95 -9.43 -2.29
C CYS A 34 -7.20 -9.51 -3.61
N LYS A 35 -6.32 -8.53 -3.83
CA LYS A 35 -5.51 -8.49 -5.02
C LYS A 35 -4.10 -8.91 -4.68
N LYS A 36 -3.47 -9.63 -5.60
CA LYS A 36 -2.13 -10.15 -5.38
C LYS A 36 -1.10 -9.26 -6.03
N GLY A 37 -0.11 -8.86 -5.28
CA GLY A 37 0.92 -8.00 -5.78
C GLY A 37 1.83 -7.52 -4.68
N CYS A 38 2.30 -6.31 -4.77
CA CYS A 38 3.18 -5.77 -3.76
C CYS A 38 2.71 -4.41 -3.31
N PHE A 39 2.64 -4.24 -2.01
CA PHE A 39 2.18 -2.99 -1.41
C PHE A 39 3.21 -2.52 -0.40
N CYS A 40 2.91 -1.43 0.28
CA CYS A 40 3.82 -0.88 1.26
C CYS A 40 3.73 -1.64 2.59
N ARG A 41 4.53 -1.20 3.55
CA ARG A 41 4.60 -1.84 4.86
C ARG A 41 3.57 -1.25 5.82
N ASP A 42 3.37 -1.93 6.94
CA ASP A 42 2.42 -1.47 7.97
C ASP A 42 2.91 -0.21 8.63
N GLY A 43 2.01 0.70 8.89
CA GLY A 43 2.36 1.94 9.55
C GLY A 43 2.69 3.05 8.58
N THR A 44 3.11 2.68 7.39
CA THR A 44 3.44 3.65 6.37
C THR A 44 2.31 3.78 5.37
N VAL A 45 1.78 4.97 5.26
CA VAL A 45 0.64 5.23 4.39
C VAL A 45 1.08 5.88 3.10
N ASP A 46 0.24 5.81 2.09
CA ASP A 46 0.52 6.39 0.80
C ASP A 46 0.05 7.85 0.77
N ASN A 47 0.98 8.76 0.75
CA ASN A 47 0.61 10.16 0.74
C ASN A 47 0.38 10.62 -0.67
N ASN A 48 -0.11 11.82 -0.82
CA ASN A 48 -0.53 12.34 -2.11
C ASN A 48 0.66 12.75 -3.00
N HIS A 49 1.76 12.03 -2.86
CA HIS A 49 2.94 12.25 -3.69
C HIS A 49 3.25 11.00 -4.51
N GLY A 50 2.36 10.02 -4.43
CA GLY A 50 2.51 8.79 -5.19
C GLY A 50 3.46 7.80 -4.55
N LYS A 51 3.69 7.94 -3.26
CA LYS A 51 4.61 7.07 -2.55
C LYS A 51 4.27 7.01 -1.06
N CYS A 52 4.67 5.92 -0.42
CA CYS A 52 4.36 5.72 0.99
C CYS A 52 5.39 6.37 1.90
N VAL A 53 4.89 6.95 2.98
CA VAL A 53 5.71 7.62 3.97
C VAL A 53 5.13 7.36 5.36
N LYS A 54 5.82 7.86 6.36
CA LYS A 54 5.32 7.75 7.72
C LYS A 54 4.07 8.63 7.86
N LYS A 55 3.14 8.18 8.67
CA LYS A 55 1.86 8.89 8.87
C LYS A 55 2.06 10.30 9.45
N GLU A 56 3.26 10.56 9.95
CA GLU A 56 3.59 11.87 10.51
C GLU A 56 3.75 12.92 9.39
N ASN A 57 3.75 12.45 8.15
CA ASN A 57 3.85 13.34 7.00
C ASN A 57 2.46 13.79 6.57
N CYS A 58 1.46 13.21 7.19
CA CYS A 58 0.08 13.53 6.87
C CYS A 58 -0.42 14.66 7.75
N GLY A 1 9.44 -21.32 -4.70
CA GLY A 1 10.40 -20.42 -4.02
C GLY A 1 10.16 -18.96 -4.36
N SER A 2 9.05 -18.69 -5.05
CA SER A 2 8.68 -17.34 -5.47
C SER A 2 9.63 -16.80 -6.55
N MET A 3 9.07 -16.55 -7.71
CA MET A 3 9.86 -16.06 -8.84
C MET A 3 9.90 -14.56 -8.86
N ILE A 4 8.81 -13.93 -8.46
CA ILE A 4 8.72 -12.48 -8.46
C ILE A 4 9.40 -11.89 -7.24
N ARG A 5 10.63 -11.43 -7.41
CA ARG A 5 11.35 -10.80 -6.32
C ARG A 5 11.21 -9.30 -6.43
N CYS A 6 10.34 -8.74 -5.63
CA CYS A 6 10.07 -7.32 -5.66
C CYS A 6 11.14 -6.55 -4.89
N PRO A 7 11.35 -5.26 -5.24
CA PRO A 7 12.33 -4.40 -4.58
C PRO A 7 12.17 -4.37 -3.06
N LYS A 8 13.27 -4.11 -2.38
CA LYS A 8 13.34 -4.09 -0.92
C LYS A 8 12.34 -3.10 -0.30
N ASP A 9 12.09 -1.99 -0.98
CA ASP A 9 11.20 -0.93 -0.45
C ASP A 9 9.75 -1.40 -0.41
N LYS A 10 9.48 -2.53 -1.04
CA LYS A 10 8.14 -3.05 -1.12
C LYS A 10 8.09 -4.49 -0.61
N ILE A 11 6.90 -4.94 -0.24
CA ILE A 11 6.72 -6.29 0.28
C ILE A 11 5.55 -6.97 -0.40
N TYR A 12 5.58 -8.29 -0.41
CA TYR A 12 4.52 -9.07 -1.03
C TYR A 12 3.39 -9.29 -0.04
N LYS A 13 2.18 -9.09 -0.52
CA LYS A 13 0.99 -9.28 0.29
C LYS A 13 0.08 -10.32 -0.35
N PHE A 14 -0.61 -11.07 0.48
CA PHE A 14 -1.53 -12.08 -0.01
C PHE A 14 -2.86 -11.42 -0.33
N CYS A 15 -3.13 -10.34 0.38
CA CYS A 15 -4.29 -9.53 0.12
C CYS A 15 -3.94 -8.07 0.31
N GLY A 16 -4.24 -7.28 -0.67
CA GLY A 16 -3.98 -5.87 -0.61
C GLY A 16 -5.15 -5.08 -1.08
N SER A 17 -5.04 -3.77 -1.00
CA SER A 17 -6.10 -2.90 -1.41
C SER A 17 -5.57 -1.84 -2.35
N PRO A 18 -6.26 -1.60 -3.49
CA PRO A 18 -5.88 -0.54 -4.44
C PRO A 18 -5.90 0.81 -3.74
N CYS A 19 -6.78 0.93 -2.75
CA CYS A 19 -6.87 2.11 -1.93
C CYS A 19 -6.26 1.80 -0.56
N PRO A 20 -5.01 2.20 -0.33
CA PRO A 20 -4.31 1.96 0.92
C PRO A 20 -4.51 3.12 1.89
N PRO A 21 -4.25 2.88 3.19
CA PRO A 21 -4.33 3.94 4.20
C PRO A 21 -3.59 5.18 3.75
N SER A 22 -4.21 6.32 3.92
CA SER A 22 -3.65 7.57 3.45
C SER A 22 -3.82 8.66 4.49
N CYS A 23 -3.22 9.81 4.24
CA CYS A 23 -3.35 10.94 5.15
C CYS A 23 -4.78 11.46 5.16
N LYS A 24 -5.42 11.43 3.98
CA LYS A 24 -6.79 11.89 3.84
C LYS A 24 -7.77 10.88 4.45
N ASP A 25 -7.52 9.61 4.23
CA ASP A 25 -8.37 8.56 4.77
C ASP A 25 -7.50 7.48 5.37
N LEU A 26 -7.53 7.37 6.67
CA LEU A 26 -6.69 6.43 7.39
C LEU A 26 -7.13 5.00 7.14
N THR A 27 -8.36 4.82 6.70
CA THR A 27 -8.88 3.50 6.36
C THR A 27 -9.98 3.64 5.30
N PRO A 28 -9.59 3.71 4.02
CA PRO A 28 -10.52 3.89 2.91
C PRO A 28 -11.42 2.68 2.69
N ASN A 29 -12.70 2.94 2.51
CA ASN A 29 -13.67 1.89 2.26
C ASN A 29 -13.89 1.77 0.76
N CYS A 30 -13.50 0.64 0.22
CA CYS A 30 -13.66 0.40 -1.19
C CYS A 30 -14.27 -0.97 -1.41
N THR A 31 -15.06 -1.09 -2.46
CA THR A 31 -15.70 -2.34 -2.83
C THR A 31 -14.68 -3.26 -3.53
N ARG A 32 -13.42 -3.12 -3.14
CA ARG A 32 -12.32 -3.82 -3.74
C ARG A 32 -12.25 -5.26 -3.28
N GLU A 33 -11.51 -6.05 -4.03
CA GLU A 33 -11.28 -7.43 -3.70
C GLU A 33 -9.84 -7.56 -3.23
N CYS A 34 -9.43 -8.75 -2.88
CA CYS A 34 -8.07 -8.96 -2.46
C CYS A 34 -7.15 -9.00 -3.67
N LYS A 35 -6.24 -8.06 -3.71
CA LYS A 35 -5.28 -7.97 -4.80
C LYS A 35 -3.95 -8.49 -4.32
N LYS A 36 -3.39 -9.39 -5.09
CA LYS A 36 -2.14 -10.03 -4.71
C LYS A 36 -0.98 -9.42 -5.47
N GLY A 37 0.11 -9.19 -4.78
CA GLY A 37 1.27 -8.62 -5.38
C GLY A 37 2.14 -7.95 -4.35
N CYS A 38 2.95 -7.01 -4.78
CA CYS A 38 3.84 -6.32 -3.89
C CYS A 38 3.41 -4.87 -3.70
N PHE A 39 3.16 -4.52 -2.46
CA PHE A 39 2.74 -3.18 -2.11
C PHE A 39 3.76 -2.53 -1.22
N CYS A 40 3.45 -1.33 -0.75
CA CYS A 40 4.35 -0.60 0.14
C CYS A 40 4.54 -1.34 1.46
N ARG A 41 5.35 -0.78 2.34
CA ARG A 41 5.62 -1.39 3.62
C ARG A 41 4.38 -1.27 4.51
N ASP A 42 3.99 -2.38 5.12
CA ASP A 42 2.78 -2.43 5.95
C ASP A 42 2.86 -1.41 7.08
N GLY A 43 1.88 -0.53 7.15
CA GLY A 43 1.87 0.50 8.17
C GLY A 43 2.17 1.86 7.61
N THR A 44 2.63 1.89 6.37
CA THR A 44 2.97 3.13 5.70
C THR A 44 1.74 3.67 4.96
N VAL A 45 1.55 4.99 4.99
CA VAL A 45 0.37 5.59 4.39
C VAL A 45 0.68 6.29 3.08
N ASP A 46 -0.32 6.37 2.22
CA ASP A 46 -0.19 7.04 0.93
C ASP A 46 -0.48 8.52 1.06
N ASN A 47 0.38 9.35 0.50
CA ASN A 47 0.20 10.79 0.57
C ASN A 47 -0.32 11.36 -0.75
N ASN A 48 -0.49 12.67 -0.81
CA ASN A 48 -1.01 13.32 -2.00
C ASN A 48 0.05 13.38 -3.10
N HIS A 49 1.25 12.92 -2.77
CA HIS A 49 2.34 12.87 -3.73
C HIS A 49 2.30 11.56 -4.50
N GLY A 50 1.42 10.67 -4.06
CA GLY A 50 1.27 9.40 -4.74
C GLY A 50 2.29 8.37 -4.30
N LYS A 51 2.89 8.60 -3.14
CA LYS A 51 3.90 7.71 -2.63
C LYS A 51 3.58 7.36 -1.18
N CYS A 52 4.03 6.20 -0.73
CA CYS A 52 3.79 5.78 0.63
C CYS A 52 4.84 6.37 1.57
N VAL A 53 4.39 7.14 2.53
CA VAL A 53 5.25 7.81 3.48
C VAL A 53 4.82 7.56 4.91
N LYS A 54 5.60 8.06 5.85
CA LYS A 54 5.30 7.91 7.25
C LYS A 54 4.13 8.83 7.64
N LYS A 55 3.36 8.45 8.66
CA LYS A 55 2.18 9.22 9.08
C LYS A 55 2.54 10.64 9.53
N GLU A 56 3.83 10.90 9.76
CA GLU A 56 4.30 12.22 10.15
C GLU A 56 4.08 13.23 9.00
N ASN A 57 3.90 12.71 7.79
CA ASN A 57 3.65 13.55 6.61
C ASN A 57 2.17 13.87 6.50
N CYS A 58 1.38 13.30 7.38
CA CYS A 58 -0.05 13.50 7.38
C CYS A 58 -0.42 14.60 8.37
N GLY A 1 9.78 -11.67 -4.66
CA GLY A 1 9.13 -12.92 -5.10
C GLY A 1 10.06 -13.76 -5.94
N SER A 2 9.55 -14.86 -6.49
CA SER A 2 10.35 -15.77 -7.29
C SER A 2 10.63 -15.19 -8.68
N MET A 3 9.80 -14.25 -9.10
CA MET A 3 9.96 -13.61 -10.39
C MET A 3 10.00 -12.11 -10.24
N ILE A 4 9.02 -11.57 -9.54
CA ILE A 4 8.93 -10.15 -9.33
C ILE A 4 9.78 -9.73 -8.14
N ARG A 5 10.59 -8.72 -8.34
CA ARG A 5 11.44 -8.19 -7.29
C ARG A 5 11.13 -6.72 -7.08
N CYS A 6 10.55 -6.41 -5.95
CA CYS A 6 10.13 -5.06 -5.64
C CYS A 6 11.00 -4.44 -4.56
N PRO A 7 11.04 -3.09 -4.49
CA PRO A 7 11.84 -2.37 -3.48
C PRO A 7 11.49 -2.78 -2.04
N LYS A 8 12.46 -2.60 -1.15
CA LYS A 8 12.35 -2.99 0.27
C LYS A 8 11.20 -2.31 1.03
N ASP A 9 10.65 -1.25 0.46
CA ASP A 9 9.58 -0.51 1.14
C ASP A 9 8.24 -1.20 0.97
N LYS A 10 8.11 -1.98 -0.08
CA LYS A 10 6.87 -2.67 -0.36
C LYS A 10 6.99 -4.16 -0.11
N ILE A 11 5.89 -4.78 0.18
CA ILE A 11 5.87 -6.20 0.48
C ILE A 11 5.05 -6.95 -0.55
N TYR A 12 5.35 -8.22 -0.72
CA TYR A 12 4.64 -9.06 -1.66
C TYR A 12 3.60 -9.86 -0.92
N LYS A 13 2.34 -9.60 -1.22
CA LYS A 13 1.26 -10.28 -0.54
C LYS A 13 0.32 -10.93 -1.53
N PHE A 14 -0.42 -11.93 -1.07
CA PHE A 14 -1.43 -12.57 -1.89
C PHE A 14 -2.71 -11.75 -1.83
N CYS A 15 -2.81 -10.95 -0.78
CA CYS A 15 -3.92 -10.06 -0.60
C CYS A 15 -3.40 -8.66 -0.34
N GLY A 16 -3.88 -7.72 -1.11
CA GLY A 16 -3.48 -6.36 -0.97
C GLY A 16 -4.60 -5.44 -1.36
N SER A 17 -4.62 -4.27 -0.77
CA SER A 17 -5.66 -3.32 -1.06
C SER A 17 -5.20 -2.33 -2.12
N PRO A 18 -5.91 -2.27 -3.28
CA PRO A 18 -5.63 -1.29 -4.34
C PRO A 18 -5.65 0.13 -3.79
N CYS A 19 -6.51 0.35 -2.80
CA CYS A 19 -6.63 1.62 -2.12
C CYS A 19 -6.00 1.51 -0.72
N PRO A 20 -4.75 1.98 -0.58
CA PRO A 20 -4.01 1.92 0.66
C PRO A 20 -4.22 3.16 1.54
N PRO A 21 -3.88 3.07 2.84
CA PRO A 21 -3.97 4.21 3.77
C PRO A 21 -3.29 5.44 3.18
N SER A 22 -3.84 6.60 3.44
CA SER A 22 -3.32 7.83 2.87
C SER A 22 -3.40 8.96 3.87
N CYS A 23 -2.84 10.11 3.51
CA CYS A 23 -2.91 11.28 4.38
C CYS A 23 -4.30 11.89 4.38
N LYS A 24 -5.04 11.68 3.28
CA LYS A 24 -6.41 12.18 3.19
C LYS A 24 -7.32 11.31 4.06
N ASP A 25 -7.10 10.01 4.00
CA ASP A 25 -7.85 9.05 4.80
C ASP A 25 -6.87 8.02 5.34
N LEU A 26 -6.57 8.11 6.62
CA LEU A 26 -5.58 7.23 7.24
C LEU A 26 -5.99 5.76 7.17
N THR A 27 -7.28 5.51 7.12
CA THR A 27 -7.79 4.17 6.98
C THR A 27 -9.03 4.18 6.10
N PRO A 28 -8.83 4.12 4.76
CA PRO A 28 -9.91 4.19 3.80
C PRO A 28 -10.71 2.90 3.72
N ASN A 29 -12.01 3.03 3.64
CA ASN A 29 -12.91 1.90 3.51
C ASN A 29 -13.04 1.50 2.05
N CYS A 30 -12.80 0.24 1.75
CA CYS A 30 -12.83 -0.25 0.39
C CYS A 30 -13.62 -1.55 0.27
N THR A 31 -14.33 -1.71 -0.84
CA THR A 31 -15.06 -2.93 -1.11
C THR A 31 -14.22 -3.83 -2.03
N ARG A 32 -12.95 -3.50 -2.13
CA ARG A 32 -12.00 -4.20 -2.99
C ARG A 32 -11.81 -5.65 -2.56
N GLU A 33 -11.16 -6.41 -3.41
CA GLU A 33 -10.84 -7.79 -3.12
C GLU A 33 -9.34 -7.94 -2.94
N CYS A 34 -8.91 -9.16 -2.69
CA CYS A 34 -7.51 -9.43 -2.48
C CYS A 34 -6.74 -9.53 -3.79
N LYS A 35 -5.84 -8.60 -3.99
CA LYS A 35 -4.98 -8.60 -5.16
C LYS A 35 -3.59 -9.07 -4.76
N LYS A 36 -2.99 -9.92 -5.57
CA LYS A 36 -1.66 -10.42 -5.26
C LYS A 36 -0.59 -9.62 -5.98
N GLY A 37 0.48 -9.34 -5.27
CA GLY A 37 1.57 -8.58 -5.83
C GLY A 37 2.27 -7.76 -4.78
N CYS A 38 2.98 -6.73 -5.20
CA CYS A 38 3.69 -5.86 -4.28
C CYS A 38 2.85 -4.65 -3.93
N PHE A 39 2.57 -4.47 -2.66
CA PHE A 39 1.78 -3.34 -2.20
C PHE A 39 2.48 -2.68 -1.03
N CYS A 40 2.02 -1.49 -0.67
CA CYS A 40 2.56 -0.79 0.46
C CYS A 40 2.19 -1.51 1.74
N ARG A 41 2.96 -1.29 2.77
CA ARG A 41 2.74 -1.96 4.03
C ARG A 41 1.52 -1.39 4.74
N ASP A 42 0.70 -2.27 5.28
CA ASP A 42 -0.51 -1.87 6.00
C ASP A 42 -0.14 -0.98 7.16
N GLY A 43 -0.63 0.24 7.14
CA GLY A 43 -0.29 1.20 8.17
C GLY A 43 0.62 2.30 7.66
N THR A 44 1.07 2.16 6.42
CA THR A 44 1.86 3.19 5.78
C THR A 44 0.93 4.02 4.91
N VAL A 45 1.16 5.31 4.84
CA VAL A 45 0.26 6.19 4.12
C VAL A 45 0.79 6.59 2.76
N ASP A 46 -0.09 6.59 1.78
CA ASP A 46 0.21 7.06 0.46
C ASP A 46 -0.05 8.55 0.41
N ASN A 47 1.00 9.33 0.27
CA ASN A 47 0.86 10.77 0.24
C ASN A 47 0.38 11.24 -1.12
N ASN A 48 -0.02 12.49 -1.20
CA ASN A 48 -0.52 13.03 -2.45
C ASN A 48 0.63 13.39 -3.39
N HIS A 49 1.81 12.90 -3.06
CA HIS A 49 2.98 13.13 -3.88
C HIS A 49 3.25 11.94 -4.78
N GLY A 50 2.44 10.89 -4.62
CA GLY A 50 2.52 9.75 -5.51
C GLY A 50 3.28 8.55 -4.94
N LYS A 51 3.47 8.50 -3.63
CA LYS A 51 4.17 7.37 -3.03
C LYS A 51 3.82 7.18 -1.56
N CYS A 52 4.13 6.01 -1.03
CA CYS A 52 3.86 5.70 0.35
C CYS A 52 5.01 6.18 1.22
N VAL A 53 4.66 6.81 2.32
CA VAL A 53 5.62 7.37 3.24
C VAL A 53 5.15 7.14 4.66
N LYS A 54 5.97 7.52 5.62
CA LYS A 54 5.61 7.35 7.01
C LYS A 54 4.37 8.17 7.33
N LYS A 55 3.50 7.63 8.17
CA LYS A 55 2.24 8.28 8.52
C LYS A 55 2.44 9.63 9.22
N GLU A 56 3.66 9.88 9.68
CA GLU A 56 3.99 11.13 10.32
C GLU A 56 4.14 12.28 9.29
N ASN A 57 4.10 11.91 8.00
CA ASN A 57 4.23 12.90 6.93
C ASN A 57 2.89 13.53 6.60
N CYS A 58 1.86 13.11 7.30
CA CYS A 58 0.53 13.63 7.06
C CYS A 58 0.28 14.88 7.90
#